data_4GH6
#
_entry.id   4GH6
#
_cell.length_a   104.276
_cell.length_b   104.276
_cell.length_c   270.073
_cell.angle_alpha   90.00
_cell.angle_beta   90.00
_cell.angle_gamma   90.00
#
_symmetry.space_group_name_H-M   'P 41 21 2'
#
loop_
_entity.id
_entity.type
_entity.pdbx_description
1 polymer "High affinity cGMP-specific 3',5'-cyclic phosphodiesterase 9A"
2 non-polymer N-(4-methoxyphenyl)-N~2~-[1-(2-methylphenyl)-4-oxo-4,5-dihydro-1H-pyrazolo[3,4-d]pyrimidin-6-yl]-L-alaninamide
3 non-polymer 'ZINC ION'
4 non-polymer 'MAGNESIUM ION'
5 water water
#
_entity_poly.entity_id   1
_entity_poly.type   'polypeptide(L)'
_entity_poly.pdbx_seq_one_letter_code
;PTYPKYLLSPETIEALRKPTFDVWLWEPNEMLSCLEHMYHDLGLVRDFSINPVTLRRWLFCVHDNYRNNPFHNFRHCFCV
AQMMYSMVWLCSLQEKFSQTDILILMTAAICHDLDHPGYNNTYQINARTELAVRYNDISPLENHHCAVAFQILAEPECNI
FSNIPPDGFKQIRQGMITLILATDMARHAEIMDSFKEKMENFDYSNEEHMTLLKMILIKCCDISNEVRPMEVAEPWVDCL
LEEYFMQSDREKSEGLPVAPFMDRDKVTKATAQIGFIKFVLIPMFETVTKLFPMVEEIMLQPLWESRDRYEELKRIDDAM
KELQKK
;
_entity_poly.pdbx_strand_id   A,B
#
loop_
_chem_comp.id
_chem_comp.type
_chem_comp.name
_chem_comp.formula
LUO non-polymer N-(4-methoxyphenyl)-N~2~-[1-(2-methylphenyl)-4-oxo-4,5-dihydro-1H-pyrazolo[3,4-d]pyrimidin-6-yl]-L-alaninamide 'C22 H22 N6 O3'
MG non-polymer 'MAGNESIUM ION' 'Mg 2'
ZN non-polymer 'ZINC ION' 'Zn 2'
#
# COMPACT_ATOMS: atom_id res chain seq x y z
N PRO A 1 0.96 10.45 -14.71
CA PRO A 1 0.62 9.56 -15.86
C PRO A 1 -0.78 8.97 -15.72
N THR A 2 -0.91 7.68 -16.01
CA THR A 2 -2.16 6.94 -15.90
C THR A 2 -1.82 5.64 -15.16
N TYR A 3 -1.77 5.74 -13.83
CA TYR A 3 -1.42 4.62 -12.94
C TYR A 3 -2.35 3.40 -13.06
N PRO A 4 -1.92 2.25 -12.49
CA PRO A 4 -2.71 1.01 -12.52
C PRO A 4 -3.90 1.02 -11.55
N LYS A 5 -4.92 0.23 -11.87
CA LYS A 5 -6.12 0.16 -11.06
C LYS A 5 -5.88 -0.05 -9.56
N TYR A 6 -4.87 -0.85 -9.21
CA TYR A 6 -4.59 -1.10 -7.80
C TYR A 6 -4.49 0.22 -7.02
N LEU A 7 -4.13 1.30 -7.72
CA LEU A 7 -4.00 2.62 -7.10
C LEU A 7 -5.31 3.38 -7.20
N LEU A 8 -5.86 3.78 -6.07
CA LEU A 8 -7.11 4.53 -6.07
C LEU A 8 -6.83 5.97 -6.47
N SER A 9 -7.81 6.62 -7.08
CA SER A 9 -7.63 8.01 -7.47
C SER A 9 -8.07 8.82 -6.27
N PRO A 10 -7.51 10.02 -6.08
CA PRO A 10 -7.91 10.83 -4.94
C PRO A 10 -9.42 11.06 -4.89
N GLU A 11 -10.07 11.00 -6.06
CA GLU A 11 -11.52 11.18 -6.11
C GLU A 11 -12.18 9.97 -5.45
N THR A 12 -11.72 8.78 -5.84
CA THR A 12 -12.25 7.53 -5.31
C THR A 12 -12.14 7.47 -3.79
N ILE A 13 -10.98 7.86 -3.28
CA ILE A 13 -10.71 7.85 -1.84
C ILE A 13 -11.59 8.83 -1.09
N GLU A 14 -12.04 9.87 -1.77
CA GLU A 14 -12.90 10.88 -1.16
C GLU A 14 -14.32 10.35 -1.11
N ALA A 15 -14.71 9.67 -2.19
CA ALA A 15 -16.05 9.09 -2.31
C ALA A 15 -16.20 7.88 -1.39
N LEU A 16 -15.06 7.29 -1.01
CA LEU A 16 -15.06 6.12 -0.14
C LEU A 16 -15.65 6.44 1.23
N ARG A 17 -15.72 7.73 1.56
CA ARG A 17 -16.26 8.15 2.85
C ARG A 17 -17.78 8.33 2.85
N LYS A 18 -18.42 8.17 1.70
CA LYS A 18 -19.86 8.35 1.63
C LYS A 18 -20.63 7.09 1.27
N PRO A 19 -21.89 6.99 1.72
CA PRO A 19 -22.75 5.83 1.46
C PRO A 19 -23.25 5.82 0.02
N THR A 20 -22.89 6.86 -0.73
CA THR A 20 -23.30 6.96 -2.12
C THR A 20 -22.24 6.31 -3.01
N PHE A 21 -21.21 5.74 -2.38
CA PHE A 21 -20.14 5.06 -3.10
C PHE A 21 -20.70 3.95 -3.99
N ASP A 22 -20.36 3.98 -5.27
CA ASP A 22 -20.81 2.99 -6.24
C ASP A 22 -19.90 1.74 -6.13
N VAL A 23 -20.32 0.80 -5.29
CA VAL A 23 -19.57 -0.43 -5.05
C VAL A 23 -19.45 -1.36 -6.26
N TRP A 24 -20.27 -1.12 -7.28
CA TRP A 24 -20.26 -1.99 -8.45
C TRP A 24 -19.14 -1.77 -9.47
N LEU A 25 -18.47 -0.63 -9.42
CA LEU A 25 -17.42 -0.35 -10.39
C LEU A 25 -16.10 -1.05 -10.18
N TRP A 26 -15.89 -1.69 -9.03
CA TRP A 26 -14.57 -2.23 -8.77
C TRP A 26 -14.28 -3.71 -8.82
N GLU A 27 -13.04 -4.01 -9.17
CA GLU A 27 -12.56 -5.38 -9.24
C GLU A 27 -12.04 -5.72 -7.85
N PRO A 28 -12.01 -7.02 -7.52
CA PRO A 28 -11.55 -7.42 -6.19
C PRO A 28 -10.31 -6.70 -5.68
N ASN A 29 -9.36 -6.43 -6.57
CA ASN A 29 -8.12 -5.76 -6.16
C ASN A 29 -8.32 -4.31 -5.79
N GLU A 30 -9.21 -3.62 -6.49
CA GLU A 30 -9.45 -2.21 -6.18
C GLU A 30 -10.17 -2.16 -4.86
N MET A 31 -11.01 -3.17 -4.62
CA MET A 31 -11.73 -3.23 -3.37
C MET A 31 -10.73 -3.52 -2.25
N LEU A 32 -9.80 -4.43 -2.49
CA LEU A 32 -8.82 -4.74 -1.47
C LEU A 32 -8.07 -3.47 -1.11
N SER A 33 -7.83 -2.60 -2.10
CA SER A 33 -7.14 -1.33 -1.86
C SER A 33 -7.94 -0.37 -1.02
N CYS A 34 -9.26 -0.33 -1.23
CA CYS A 34 -10.10 0.56 -0.44
C CYS A 34 -10.13 0.08 0.99
N LEU A 35 -10.16 -1.23 1.19
CA LEU A 35 -10.18 -1.80 2.53
C LEU A 35 -8.86 -1.46 3.20
N GLU A 36 -7.76 -1.68 2.46
CA GLU A 36 -6.44 -1.34 2.97
C GLU A 36 -6.38 0.13 3.36
N HIS A 37 -6.91 0.99 2.51
CA HIS A 37 -6.90 2.42 2.80
C HIS A 37 -7.62 2.74 4.11
N MET A 38 -8.78 2.11 4.31
CA MET A 38 -9.57 2.34 5.51
C MET A 38 -8.81 2.05 6.81
N TYR A 39 -7.98 1.02 6.82
CA TYR A 39 -7.23 0.69 8.02
C TYR A 39 -6.17 1.75 8.32
N HIS A 40 -5.56 2.31 7.27
CA HIS A 40 -4.57 3.35 7.45
C HIS A 40 -5.30 4.64 7.82
N ASP A 41 -6.26 5.03 7.00
CA ASP A 41 -6.99 6.26 7.26
C ASP A 41 -7.71 6.36 8.61
N LEU A 42 -7.82 5.25 9.33
CA LEU A 42 -8.51 5.25 10.62
C LEU A 42 -7.55 5.23 11.82
N GLY A 43 -6.26 5.06 11.52
CA GLY A 43 -5.27 5.01 12.58
C GLY A 43 -5.06 3.61 13.12
N LEU A 44 -5.79 2.65 12.54
CA LEU A 44 -5.69 1.28 13.00
C LEU A 44 -4.31 0.69 12.75
N VAL A 45 -3.79 0.88 11.54
CA VAL A 45 -2.47 0.34 11.22
C VAL A 45 -1.45 0.93 12.19
N ARG A 46 -1.64 2.21 12.48
CA ARG A 46 -0.80 2.96 13.38
C ARG A 46 -0.95 2.51 14.81
N ASP A 47 -2.14 2.76 15.38
CA ASP A 47 -2.42 2.42 16.76
C ASP A 47 -2.27 0.95 17.18
N PHE A 48 -2.21 0.03 16.23
CA PHE A 48 -2.07 -1.38 16.57
C PHE A 48 -0.83 -1.99 15.95
N SER A 49 0.06 -1.13 15.48
CA SER A 49 1.32 -1.57 14.87
C SER A 49 1.08 -2.73 13.92
N ILE A 50 0.10 -2.59 13.04
CA ILE A 50 -0.18 -3.65 12.08
C ILE A 50 0.86 -3.60 10.99
N ASN A 51 1.53 -4.73 10.74
CA ASN A 51 2.54 -4.75 9.68
C ASN A 51 1.78 -4.50 8.37
N PRO A 52 2.09 -3.39 7.68
CA PRO A 52 1.44 -3.01 6.43
C PRO A 52 1.36 -4.07 5.34
N VAL A 53 2.36 -4.94 5.22
CA VAL A 53 2.32 -5.99 4.19
C VAL A 53 1.41 -7.12 4.66
N THR A 54 1.37 -7.34 5.98
CA THR A 54 0.51 -8.37 6.56
C THR A 54 -0.94 -7.98 6.33
N LEU A 55 -1.22 -6.68 6.43
CA LEU A 55 -2.56 -6.19 6.24
C LEU A 55 -3.06 -6.61 4.87
N ARG A 56 -2.17 -6.57 3.88
CA ARG A 56 -2.51 -6.95 2.51
C ARG A 56 -2.66 -8.45 2.33
N ARG A 57 -1.76 -9.23 2.92
CA ARG A 57 -1.87 -10.67 2.79
C ARG A 57 -3.14 -11.15 3.49
N TRP A 58 -3.51 -10.47 4.58
CA TRP A 58 -4.72 -10.82 5.33
C TRP A 58 -5.95 -10.55 4.44
N LEU A 59 -5.97 -9.39 3.78
CA LEU A 59 -7.07 -9.04 2.90
C LEU A 59 -7.21 -10.01 1.74
N PHE A 60 -6.09 -10.48 1.20
CA PHE A 60 -6.15 -11.43 0.09
C PHE A 60 -6.66 -12.77 0.59
N CYS A 61 -6.18 -13.20 1.74
CA CYS A 61 -6.63 -14.45 2.31
C CYS A 61 -8.14 -14.34 2.62
N VAL A 62 -8.55 -13.22 3.19
CA VAL A 62 -9.95 -13.04 3.49
C VAL A 62 -10.72 -13.21 2.19
N HIS A 63 -10.42 -12.38 1.19
CA HIS A 63 -11.07 -12.45 -0.11
C HIS A 63 -11.08 -13.86 -0.68
N ASP A 64 -10.01 -14.59 -0.46
CA ASP A 64 -9.91 -15.93 -0.97
C ASP A 64 -10.86 -16.89 -0.27
N ASN A 65 -11.37 -16.49 0.89
CA ASN A 65 -12.28 -17.35 1.65
C ASN A 65 -13.74 -16.98 1.47
N TYR A 66 -14.02 -16.05 0.56
CA TYR A 66 -15.40 -15.73 0.31
C TYR A 66 -15.73 -16.58 -0.91
N ARG A 67 -16.99 -16.97 -1.03
CA ARG A 67 -17.41 -17.78 -2.15
C ARG A 67 -18.09 -16.97 -3.22
N ASN A 68 -18.29 -17.58 -4.39
CA ASN A 68 -18.93 -16.91 -5.50
C ASN A 68 -20.44 -17.05 -5.51
N ASN A 69 -21.07 -16.67 -4.41
CA ASN A 69 -22.52 -16.74 -4.33
C ASN A 69 -23.08 -15.50 -5.01
N PRO A 70 -24.33 -15.57 -5.46
CA PRO A 70 -24.82 -14.35 -6.10
C PRO A 70 -24.91 -13.17 -5.12
N PHE A 71 -25.19 -13.43 -3.85
CA PHE A 71 -25.30 -12.34 -2.86
C PHE A 71 -24.17 -12.35 -1.83
N HIS A 72 -24.08 -13.43 -1.05
CA HIS A 72 -23.06 -13.51 -0.01
C HIS A 72 -21.67 -13.79 -0.52
N ASN A 73 -21.09 -12.77 -1.13
CA ASN A 73 -19.74 -12.88 -1.69
C ASN A 73 -18.87 -11.75 -1.16
N PHE A 74 -17.65 -11.66 -1.68
CA PHE A 74 -16.70 -10.64 -1.24
C PHE A 74 -17.16 -9.20 -1.45
N ARG A 75 -17.98 -8.96 -2.48
CA ARG A 75 -18.46 -7.60 -2.70
C ARG A 75 -19.44 -7.19 -1.60
N HIS A 76 -20.17 -8.16 -1.06
CA HIS A 76 -21.13 -7.89 0.02
C HIS A 76 -20.29 -7.49 1.22
N CYS A 77 -19.25 -8.26 1.46
CA CYS A 77 -18.34 -8.01 2.56
C CYS A 77 -17.79 -6.58 2.43
N PHE A 78 -17.47 -6.18 1.20
CA PHE A 78 -16.96 -4.85 0.93
C PHE A 78 -18.01 -3.77 1.18
N CYS A 79 -19.25 -4.00 0.77
CA CYS A 79 -20.32 -3.00 0.99
C CYS A 79 -20.49 -2.75 2.46
N VAL A 80 -20.54 -3.84 3.22
CA VAL A 80 -20.71 -3.79 4.66
C VAL A 80 -19.57 -3.02 5.30
N ALA A 81 -18.34 -3.38 4.96
CA ALA A 81 -17.17 -2.72 5.52
C ALA A 81 -17.15 -1.25 5.11
N GLN A 82 -17.47 -0.99 3.84
CA GLN A 82 -17.48 0.36 3.30
C GLN A 82 -18.56 1.24 3.97
N MET A 83 -19.72 0.65 4.27
CA MET A 83 -20.81 1.39 4.89
C MET A 83 -20.43 1.74 6.35
N MET A 84 -19.80 0.78 7.03
CA MET A 84 -19.33 0.95 8.41
C MET A 84 -18.36 2.15 8.43
N TYR A 85 -17.49 2.18 7.44
CA TYR A 85 -16.50 3.25 7.31
C TYR A 85 -17.23 4.61 7.17
N SER A 86 -18.25 4.64 6.32
CA SER A 86 -19.02 5.86 6.11
C SER A 86 -19.59 6.36 7.42
N MET A 87 -20.08 5.44 8.23
CA MET A 87 -20.68 5.81 9.50
C MET A 87 -19.68 6.31 10.54
N VAL A 88 -18.45 5.83 10.45
CA VAL A 88 -17.42 6.27 11.38
C VAL A 88 -17.22 7.77 11.17
N TRP A 89 -17.46 8.23 9.94
CA TRP A 89 -17.31 9.64 9.61
C TRP A 89 -18.64 10.36 9.77
N LEU A 90 -19.68 9.89 9.09
CA LEU A 90 -21.00 10.49 9.19
C LEU A 90 -21.39 10.75 10.65
N CYS A 91 -21.20 9.76 11.51
CA CYS A 91 -21.57 9.86 12.92
C CYS A 91 -20.43 10.19 13.88
N SER A 92 -19.23 10.45 13.34
CA SER A 92 -18.06 10.78 14.14
C SER A 92 -17.93 9.81 15.31
N LEU A 93 -17.84 8.53 14.98
CA LEU A 93 -17.75 7.47 15.98
C LEU A 93 -16.44 7.48 16.77
N GLN A 94 -15.36 7.93 16.15
CA GLN A 94 -14.07 7.95 16.83
C GLN A 94 -14.11 8.87 18.06
N GLU A 95 -15.20 9.61 18.21
CA GLU A 95 -15.40 10.49 19.35
C GLU A 95 -16.00 9.65 20.47
N LYS A 96 -16.96 8.81 20.12
CA LYS A 96 -17.62 7.97 21.10
C LYS A 96 -16.97 6.61 21.28
N PHE A 97 -16.07 6.22 20.38
CA PHE A 97 -15.44 4.90 20.47
C PHE A 97 -13.93 4.88 20.55
N SER A 98 -13.40 3.86 21.23
CA SER A 98 -11.97 3.71 21.34
C SER A 98 -11.47 3.09 20.04
N GLN A 99 -10.18 3.12 19.81
CA GLN A 99 -9.64 2.54 18.59
C GLN A 99 -9.84 1.04 18.56
N THR A 100 -9.92 0.42 19.74
CA THR A 100 -10.13 -1.01 19.80
C THR A 100 -11.55 -1.31 19.32
N ASP A 101 -12.49 -0.42 19.66
CA ASP A 101 -13.86 -0.62 19.22
C ASP A 101 -13.97 -0.47 17.71
N ILE A 102 -13.17 0.44 17.14
CA ILE A 102 -13.20 0.67 15.70
C ILE A 102 -12.57 -0.51 14.99
N LEU A 103 -11.49 -1.03 15.56
CA LEU A 103 -10.81 -2.18 14.98
C LEU A 103 -11.81 -3.33 14.90
N ILE A 104 -12.48 -3.60 16.01
CA ILE A 104 -13.49 -4.67 16.09
C ILE A 104 -14.63 -4.45 15.10
N LEU A 105 -15.13 -3.22 15.01
CA LEU A 105 -16.21 -2.95 14.09
C LEU A 105 -15.83 -3.23 12.62
N MET A 106 -14.67 -2.73 12.21
CA MET A 106 -14.24 -2.93 10.84
C MET A 106 -13.87 -4.37 10.55
N THR A 107 -13.06 -4.96 11.41
CA THR A 107 -12.64 -6.33 11.18
C THR A 107 -13.80 -7.30 11.18
N ALA A 108 -14.76 -7.09 12.08
CA ALA A 108 -15.94 -7.96 12.12
C ALA A 108 -16.74 -7.77 10.84
N ALA A 109 -16.84 -6.53 10.37
CA ALA A 109 -17.58 -6.25 9.14
C ALA A 109 -17.00 -7.01 7.96
N ILE A 110 -15.68 -7.01 7.84
CA ILE A 110 -15.02 -7.68 6.75
C ILE A 110 -15.16 -9.20 6.82
N CYS A 111 -15.09 -9.76 8.02
CA CYS A 111 -15.16 -11.21 8.17
C CYS A 111 -16.55 -11.77 8.48
N HIS A 112 -17.54 -10.90 8.65
CA HIS A 112 -18.85 -11.36 9.04
C HIS A 112 -19.55 -12.45 8.22
N ASP A 113 -19.18 -12.62 6.95
CA ASP A 113 -19.80 -13.65 6.11
C ASP A 113 -18.81 -14.61 5.47
N LEU A 114 -17.63 -14.76 6.07
CA LEU A 114 -16.62 -15.65 5.54
C LEU A 114 -17.14 -17.05 5.25
N ASP A 115 -16.81 -17.53 4.06
CA ASP A 115 -17.17 -18.87 3.62
C ASP A 115 -18.66 -19.21 3.59
N HIS A 116 -19.50 -18.20 3.38
CA HIS A 116 -20.94 -18.46 3.34
C HIS A 116 -21.25 -19.43 2.20
N PRO A 117 -22.08 -20.45 2.46
CA PRO A 117 -22.41 -21.42 1.42
C PRO A 117 -23.49 -21.00 0.41
N GLY A 118 -24.28 -20.00 0.76
CA GLY A 118 -25.32 -19.58 -0.16
C GLY A 118 -26.68 -20.09 0.28
N TYR A 119 -26.72 -20.92 1.32
CA TYR A 119 -27.99 -21.42 1.84
C TYR A 119 -28.01 -21.03 3.32
N ASN A 120 -29.06 -20.34 3.75
CA ASN A 120 -29.11 -19.86 5.13
C ASN A 120 -29.23 -20.89 6.24
N ASN A 121 -29.30 -20.41 7.48
CA ASN A 121 -29.37 -21.30 8.64
C ASN A 121 -30.54 -22.27 8.58
N THR A 122 -31.70 -21.77 8.15
CA THR A 122 -32.89 -22.62 8.06
C THR A 122 -32.65 -23.85 7.18
N TYR A 123 -32.00 -23.66 6.05
CA TYR A 123 -31.72 -24.79 5.18
C TYR A 123 -30.81 -25.72 5.95
N GLN A 124 -29.66 -25.20 6.39
CA GLN A 124 -28.68 -25.98 7.16
C GLN A 124 -29.34 -26.87 8.20
N ILE A 125 -30.22 -26.27 8.99
CA ILE A 125 -30.89 -26.99 10.06
C ILE A 125 -31.84 -28.06 9.52
N ASN A 126 -32.77 -27.66 8.64
CA ASN A 126 -33.73 -28.61 8.06
C ASN A 126 -33.05 -29.70 7.24
N ALA A 127 -31.95 -29.38 6.57
CA ALA A 127 -31.25 -30.38 5.77
C ALA A 127 -30.28 -31.19 6.61
N ARG A 128 -30.15 -30.81 7.89
CA ARG A 128 -29.24 -31.47 8.83
C ARG A 128 -27.83 -31.55 8.23
N THR A 129 -27.34 -30.41 7.76
CA THR A 129 -26.01 -30.32 7.15
C THR A 129 -24.87 -30.51 8.14
N GLU A 130 -23.66 -30.57 7.61
CA GLU A 130 -22.49 -30.75 8.45
C GLU A 130 -22.34 -29.55 9.40
N LEU A 131 -22.68 -28.35 8.94
CA LEU A 131 -22.57 -27.18 9.78
C LEU A 131 -23.59 -27.22 10.90
N ALA A 132 -24.83 -27.56 10.56
CA ALA A 132 -25.90 -27.63 11.55
C ALA A 132 -25.56 -28.67 12.62
N VAL A 133 -24.97 -29.78 12.21
CA VAL A 133 -24.62 -30.79 13.19
C VAL A 133 -23.48 -30.30 14.07
N ARG A 134 -22.50 -29.62 13.47
CA ARG A 134 -21.34 -29.11 14.21
C ARG A 134 -21.70 -28.04 15.23
N TYR A 135 -22.70 -27.23 14.91
CA TYR A 135 -23.10 -26.15 15.79
C TYR A 135 -24.44 -26.37 16.48
N ASN A 136 -24.83 -27.62 16.63
CA ASN A 136 -26.07 -27.96 17.32
C ASN A 136 -27.23 -27.02 17.02
N ASP A 137 -27.42 -26.70 15.73
CA ASP A 137 -28.51 -25.83 15.27
C ASP A 137 -28.49 -24.42 15.86
N ILE A 138 -27.37 -24.00 16.41
CA ILE A 138 -27.29 -22.64 16.98
C ILE A 138 -26.46 -21.75 16.05
N SER A 139 -27.11 -20.73 15.46
CA SER A 139 -26.45 -19.81 14.51
C SER A 139 -25.29 -20.49 13.79
N PRO A 140 -25.54 -21.65 13.17
CA PRO A 140 -24.46 -22.36 12.48
C PRO A 140 -23.59 -21.58 11.51
N LEU A 141 -24.19 -20.84 10.59
CA LEU A 141 -23.38 -20.06 9.65
C LEU A 141 -22.50 -19.02 10.33
N GLU A 142 -23.12 -18.15 11.14
CA GLU A 142 -22.38 -17.10 11.84
C GLU A 142 -21.26 -17.68 12.70
N ASN A 143 -21.53 -18.80 13.36
CA ASN A 143 -20.50 -19.46 14.17
C ASN A 143 -19.36 -19.83 13.23
N HIS A 144 -19.73 -20.39 12.09
CA HIS A 144 -18.76 -20.81 11.10
C HIS A 144 -17.94 -19.64 10.56
N HIS A 145 -18.58 -18.50 10.34
CA HIS A 145 -17.87 -17.35 9.83
C HIS A 145 -16.76 -16.94 10.80
N CYS A 146 -17.06 -16.90 12.10
CA CYS A 146 -16.06 -16.54 13.13
C CYS A 146 -14.89 -17.51 13.11
N ALA A 147 -15.23 -18.79 13.08
CA ALA A 147 -14.21 -19.81 13.08
C ALA A 147 -13.23 -19.57 11.93
N VAL A 148 -13.77 -19.39 10.74
CA VAL A 148 -12.92 -19.17 9.58
C VAL A 148 -12.13 -17.88 9.77
N ALA A 149 -12.79 -16.88 10.36
CA ALA A 149 -12.13 -15.61 10.59
C ALA A 149 -10.87 -15.83 11.45
N PHE A 150 -11.01 -16.57 12.54
CA PHE A 150 -9.86 -16.78 13.38
C PHE A 150 -8.88 -17.85 12.90
N GLN A 151 -9.29 -18.63 11.91
CA GLN A 151 -8.38 -19.63 11.39
C GLN A 151 -7.42 -18.86 10.48
N ILE A 152 -7.97 -17.88 9.78
CA ILE A 152 -7.15 -17.04 8.91
C ILE A 152 -6.16 -16.24 9.77
N LEU A 153 -6.63 -15.62 10.85
CA LEU A 153 -5.74 -14.85 11.71
C LEU A 153 -4.70 -15.75 12.38
N ALA A 154 -4.92 -17.06 12.36
CA ALA A 154 -3.97 -17.97 12.99
C ALA A 154 -2.74 -18.18 12.09
N GLU A 155 -2.87 -17.89 10.80
CA GLU A 155 -1.74 -18.01 9.89
C GLU A 155 -0.88 -16.76 10.11
N PRO A 156 0.32 -16.93 10.68
CA PRO A 156 1.24 -15.81 10.94
C PRO A 156 1.43 -14.74 9.86
N GLU A 157 1.41 -15.16 8.59
CA GLU A 157 1.58 -14.22 7.48
C GLU A 157 0.37 -13.34 7.29
N CYS A 158 -0.76 -13.74 7.88
CA CYS A 158 -2.01 -12.99 7.77
C CYS A 158 -2.46 -12.42 9.12
N ASN A 159 -1.69 -12.66 10.16
CA ASN A 159 -2.09 -12.19 11.48
C ASN A 159 -1.90 -10.71 11.73
N ILE A 160 -2.85 -9.92 11.27
CA ILE A 160 -2.79 -8.48 11.46
C ILE A 160 -2.80 -8.10 12.94
N PHE A 161 -2.89 -9.09 13.82
CA PHE A 161 -2.90 -8.82 15.26
C PHE A 161 -1.62 -9.26 15.97
N SER A 162 -0.69 -9.85 15.21
CA SER A 162 0.56 -10.33 15.78
C SER A 162 1.34 -9.36 16.69
N ASN A 163 1.05 -8.07 16.64
CA ASN A 163 1.78 -7.14 17.51
C ASN A 163 0.84 -6.52 18.51
N ILE A 164 -0.20 -7.26 18.87
CA ILE A 164 -1.13 -6.77 19.88
C ILE A 164 -0.94 -7.64 21.12
N PRO A 165 -0.85 -7.02 22.30
CA PRO A 165 -0.67 -7.82 23.52
C PRO A 165 -1.85 -8.76 23.73
N PRO A 166 -1.57 -10.02 24.12
CA PRO A 166 -2.61 -11.04 24.36
C PRO A 166 -3.85 -10.57 25.12
N ASP A 167 -3.65 -9.61 26.02
CA ASP A 167 -4.79 -9.10 26.78
C ASP A 167 -5.72 -8.39 25.82
N GLY A 168 -5.15 -7.60 24.91
CA GLY A 168 -5.96 -6.87 23.95
C GLY A 168 -6.50 -7.77 22.87
N PHE A 169 -5.77 -8.84 22.55
CA PHE A 169 -6.23 -9.78 21.54
C PHE A 169 -7.50 -10.44 22.05
N LYS A 170 -7.49 -10.85 23.32
CA LYS A 170 -8.65 -11.48 23.91
C LYS A 170 -9.87 -10.58 23.86
N GLN A 171 -9.64 -9.29 24.05
CA GLN A 171 -10.72 -8.32 24.02
C GLN A 171 -11.26 -8.13 22.59
N ILE A 172 -10.35 -8.11 21.62
CA ILE A 172 -10.73 -7.94 20.21
C ILE A 172 -11.50 -9.18 19.74
N ARG A 173 -11.00 -10.35 20.12
CA ARG A 173 -11.64 -11.60 19.73
C ARG A 173 -13.04 -11.70 20.32
N GLN A 174 -13.19 -11.31 21.57
CA GLN A 174 -14.49 -11.37 22.21
C GLN A 174 -15.45 -10.41 21.51
N GLY A 175 -14.95 -9.24 21.15
CA GLY A 175 -15.78 -8.25 20.49
C GLY A 175 -16.22 -8.68 19.11
N MET A 176 -15.30 -9.25 18.34
CA MET A 176 -15.61 -9.71 17.00
C MET A 176 -16.63 -10.85 17.01
N ILE A 177 -16.48 -11.79 17.94
CA ILE A 177 -17.42 -12.90 18.02
C ILE A 177 -18.84 -12.40 18.30
N THR A 178 -18.96 -11.47 19.25
CA THR A 178 -20.25 -10.90 19.61
C THR A 178 -20.91 -10.24 18.39
N LEU A 179 -20.13 -9.46 17.66
CA LEU A 179 -20.68 -8.77 16.49
C LEU A 179 -21.05 -9.71 15.37
N ILE A 180 -20.17 -10.64 15.05
CA ILE A 180 -20.47 -11.57 13.96
C ILE A 180 -21.71 -12.41 14.27
N LEU A 181 -21.84 -12.88 15.51
CA LEU A 181 -23.01 -13.68 15.86
C LEU A 181 -24.28 -12.82 15.90
N ALA A 182 -24.12 -11.52 16.09
CA ALA A 182 -25.29 -10.63 16.14
C ALA A 182 -25.89 -10.41 14.75
N THR A 183 -25.18 -10.82 13.71
CA THR A 183 -25.68 -10.62 12.35
C THR A 183 -26.76 -11.63 11.97
N ASP A 184 -27.00 -12.63 12.82
CA ASP A 184 -28.02 -13.66 12.57
C ASP A 184 -29.39 -13.00 12.72
N MET A 185 -30.10 -12.78 11.61
CA MET A 185 -31.42 -12.14 11.67
C MET A 185 -32.43 -12.84 12.57
N ALA A 186 -32.12 -14.06 13.01
CA ALA A 186 -33.03 -14.77 13.89
C ALA A 186 -33.12 -14.02 15.21
N ARG A 187 -32.05 -13.31 15.56
CA ARG A 187 -31.98 -12.56 16.81
C ARG A 187 -32.32 -11.09 16.61
N HIS A 188 -32.85 -10.73 15.44
CA HIS A 188 -33.16 -9.33 15.20
C HIS A 188 -34.08 -8.70 16.25
N ALA A 189 -35.29 -9.22 16.38
CA ALA A 189 -36.27 -8.70 17.35
C ALA A 189 -35.69 -8.58 18.76
N GLU A 190 -34.99 -9.62 19.22
CA GLU A 190 -34.40 -9.62 20.55
C GLU A 190 -33.39 -8.48 20.73
N ILE A 191 -32.40 -8.43 19.85
CA ILE A 191 -31.37 -7.40 19.91
C ILE A 191 -31.98 -6.01 19.80
N MET A 192 -32.95 -5.84 18.92
CA MET A 192 -33.60 -4.55 18.77
C MET A 192 -34.29 -4.14 20.06
N ASP A 193 -34.98 -5.10 20.68
CA ASP A 193 -35.66 -4.82 21.92
C ASP A 193 -34.64 -4.44 23.00
N SER A 194 -33.57 -5.21 23.14
CA SER A 194 -32.54 -4.89 24.12
C SER A 194 -32.02 -3.47 23.93
N PHE A 195 -31.65 -3.15 22.69
CA PHE A 195 -31.14 -1.82 22.41
C PHE A 195 -32.13 -0.75 22.81
N LYS A 196 -33.35 -0.82 22.26
CA LYS A 196 -34.37 0.17 22.58
C LYS A 196 -34.58 0.33 24.09
N GLU A 197 -34.44 -0.75 24.83
CA GLU A 197 -34.59 -0.68 26.27
C GLU A 197 -33.50 0.25 26.81
N LYS A 198 -32.25 -0.03 26.45
CA LYS A 198 -31.12 0.78 26.89
C LYS A 198 -31.28 2.20 26.37
N MET A 199 -31.99 2.32 25.25
CA MET A 199 -32.21 3.62 24.63
C MET A 199 -33.02 4.55 25.54
N GLU A 200 -33.77 3.97 26.47
CA GLU A 200 -34.59 4.76 27.39
C GLU A 200 -33.71 5.62 28.31
N ASN A 201 -32.40 5.56 28.11
CA ASN A 201 -31.44 6.30 28.91
C ASN A 201 -30.04 5.83 28.51
N PHE A 202 -29.65 6.09 27.26
CA PHE A 202 -28.36 5.63 26.79
C PHE A 202 -27.21 6.23 27.58
N ASP A 203 -26.09 5.51 27.62
CA ASP A 203 -24.91 5.93 28.35
C ASP A 203 -23.64 5.44 27.65
N TYR A 204 -22.91 6.36 27.01
CA TYR A 204 -21.69 5.97 26.30
C TYR A 204 -20.60 5.39 27.18
N SER A 205 -20.85 5.38 28.48
CA SER A 205 -19.88 4.84 29.41
C SER A 205 -20.33 3.48 29.93
N ASN A 206 -21.60 3.14 29.71
CA ASN A 206 -22.11 1.84 30.13
C ASN A 206 -21.62 0.82 29.12
N GLU A 207 -20.84 -0.16 29.57
CA GLU A 207 -20.30 -1.14 28.64
C GLU A 207 -21.34 -1.99 27.92
N GLU A 208 -22.39 -2.40 28.62
CA GLU A 208 -23.43 -3.19 27.97
C GLU A 208 -24.14 -2.31 26.94
N HIS A 209 -24.25 -1.03 27.24
CA HIS A 209 -24.90 -0.09 26.34
C HIS A 209 -24.15 0.02 25.02
N MET A 210 -22.82 0.10 25.11
CA MET A 210 -21.99 0.22 23.93
C MET A 210 -21.92 -1.06 23.12
N THR A 211 -22.03 -2.21 23.80
CA THR A 211 -21.99 -3.48 23.09
C THR A 211 -23.21 -3.59 22.21
N LEU A 212 -24.35 -3.11 22.70
CA LEU A 212 -25.57 -3.17 21.92
C LEU A 212 -25.51 -2.17 20.76
N LEU A 213 -24.89 -1.01 20.99
CA LEU A 213 -24.79 -0.02 19.94
C LEU A 213 -23.99 -0.60 18.78
N LYS A 214 -22.89 -1.30 19.11
CA LYS A 214 -22.04 -1.92 18.11
C LYS A 214 -22.76 -3.04 17.39
N MET A 215 -23.56 -3.81 18.12
CA MET A 215 -24.32 -4.89 17.51
C MET A 215 -25.28 -4.26 16.50
N ILE A 216 -25.94 -3.17 16.88
CA ILE A 216 -26.87 -2.47 16.01
C ILE A 216 -26.13 -1.84 14.84
N LEU A 217 -24.91 -1.39 15.05
CA LEU A 217 -24.19 -0.77 13.95
C LEU A 217 -23.78 -1.78 12.88
N ILE A 218 -23.22 -2.92 13.27
CA ILE A 218 -22.84 -3.89 12.26
C ILE A 218 -24.08 -4.46 11.57
N LYS A 219 -25.17 -4.60 12.32
CA LYS A 219 -26.42 -5.09 11.75
C LYS A 219 -26.89 -4.07 10.72
N CYS A 220 -26.78 -2.79 11.07
CA CYS A 220 -27.14 -1.72 10.15
C CYS A 220 -26.36 -1.79 8.84
N CYS A 221 -25.04 -1.94 8.94
CA CYS A 221 -24.23 -2.00 7.73
C CYS A 221 -24.47 -3.25 6.91
N ASP A 222 -24.68 -4.37 7.59
CA ASP A 222 -24.92 -5.65 6.93
C ASP A 222 -26.11 -5.63 5.98
N ILE A 223 -27.20 -4.99 6.39
CA ILE A 223 -28.41 -4.93 5.57
C ILE A 223 -28.74 -3.53 5.07
N SER A 224 -27.71 -2.72 4.80
CA SER A 224 -27.91 -1.33 4.36
C SER A 224 -27.95 -1.03 2.86
N ASN A 225 -28.07 -2.04 2.01
CA ASN A 225 -28.10 -1.80 0.57
C ASN A 225 -29.09 -0.73 0.10
N GLU A 226 -30.33 -0.77 0.60
CA GLU A 226 -31.33 0.20 0.17
C GLU A 226 -31.04 1.64 0.59
N VAL A 227 -30.07 1.80 1.49
CA VAL A 227 -29.67 3.13 1.96
C VAL A 227 -28.94 3.81 0.80
N ARG A 228 -28.44 3.00 -0.13
CA ARG A 228 -27.71 3.50 -1.29
C ARG A 228 -28.59 3.96 -2.44
N PRO A 229 -27.99 4.68 -3.40
CA PRO A 229 -28.69 5.20 -4.59
C PRO A 229 -29.34 4.02 -5.29
N MET A 230 -30.58 4.20 -5.73
CA MET A 230 -31.34 3.15 -6.38
C MET A 230 -30.60 2.39 -7.48
N GLU A 231 -29.72 3.08 -8.20
CA GLU A 231 -28.94 2.48 -9.26
C GLU A 231 -27.93 1.49 -8.69
N VAL A 232 -27.42 1.81 -7.50
CA VAL A 232 -26.43 0.97 -6.82
C VAL A 232 -27.10 -0.12 -6.00
N ALA A 233 -28.23 0.22 -5.40
CA ALA A 233 -28.94 -0.71 -4.55
C ALA A 233 -29.73 -1.83 -5.22
N GLU A 234 -30.46 -1.51 -6.28
CA GLU A 234 -31.30 -2.51 -6.95
C GLU A 234 -30.61 -3.79 -7.41
N PRO A 235 -29.49 -3.67 -8.13
CA PRO A 235 -28.86 -4.93 -8.55
C PRO A 235 -28.63 -5.91 -7.39
N TRP A 236 -28.56 -5.42 -6.15
CA TRP A 236 -28.35 -6.32 -5.01
C TRP A 236 -29.60 -7.14 -4.72
N VAL A 237 -30.77 -6.54 -4.91
CA VAL A 237 -32.01 -7.27 -4.67
C VAL A 237 -32.08 -8.48 -5.59
N ASP A 238 -31.63 -8.30 -6.83
CA ASP A 238 -31.66 -9.40 -7.78
C ASP A 238 -30.72 -10.50 -7.33
N CYS A 239 -29.53 -10.13 -6.87
CA CYS A 239 -28.58 -11.13 -6.40
C CYS A 239 -29.14 -11.90 -5.21
N LEU A 240 -29.76 -11.18 -4.28
CA LEU A 240 -30.32 -11.85 -3.13
C LEU A 240 -31.39 -12.86 -3.56
N LEU A 241 -32.29 -12.43 -4.43
CA LEU A 241 -33.35 -13.32 -4.92
C LEU A 241 -32.75 -14.49 -5.69
N GLU A 242 -31.67 -14.24 -6.41
CA GLU A 242 -31.03 -15.30 -7.17
C GLU A 242 -30.57 -16.37 -6.19
N GLU A 243 -30.01 -15.92 -5.07
CA GLU A 243 -29.54 -16.84 -4.05
C GLU A 243 -30.74 -17.50 -3.36
N TYR A 244 -31.76 -16.71 -3.05
CA TYR A 244 -32.96 -17.24 -2.40
C TYR A 244 -33.63 -18.33 -3.25
N PHE A 245 -33.87 -18.04 -4.53
CA PHE A 245 -34.51 -19.01 -5.40
C PHE A 245 -33.68 -20.28 -5.45
N MET A 246 -32.37 -20.12 -5.60
CA MET A 246 -31.49 -21.26 -5.63
C MET A 246 -31.70 -22.20 -4.43
N GLN A 247 -31.92 -21.61 -3.25
CA GLN A 247 -32.13 -22.41 -2.05
C GLN A 247 -33.49 -23.10 -2.09
N SER A 248 -34.55 -22.31 -2.26
CA SER A 248 -35.90 -22.86 -2.32
C SER A 248 -36.02 -23.94 -3.40
N ASP A 249 -35.38 -23.74 -4.54
CA ASP A 249 -35.42 -24.75 -5.60
C ASP A 249 -34.95 -26.05 -4.97
N ARG A 250 -33.76 -26.00 -4.39
CA ARG A 250 -33.15 -27.14 -3.73
C ARG A 250 -34.04 -27.68 -2.62
N GLU A 251 -34.66 -26.79 -1.84
CA GLU A 251 -35.52 -27.24 -0.75
C GLU A 251 -36.73 -28.01 -1.29
N LYS A 252 -37.18 -27.67 -2.49
CA LYS A 252 -38.30 -28.35 -3.12
C LYS A 252 -37.86 -29.72 -3.63
N SER A 253 -36.71 -29.77 -4.32
CA SER A 253 -36.18 -31.03 -4.85
C SER A 253 -35.71 -31.96 -3.75
N GLU A 254 -35.97 -31.61 -2.49
CA GLU A 254 -35.55 -32.45 -1.37
C GLU A 254 -36.67 -32.59 -0.36
N GLY A 255 -37.84 -32.08 -0.71
CA GLY A 255 -38.99 -32.18 0.18
C GLY A 255 -38.86 -31.37 1.45
N LEU A 256 -37.84 -30.53 1.55
CA LEU A 256 -37.64 -29.71 2.73
C LEU A 256 -38.53 -28.48 2.64
N PRO A 257 -39.01 -27.99 3.80
CA PRO A 257 -39.88 -26.80 3.83
C PRO A 257 -39.27 -25.56 3.16
N VAL A 258 -40.15 -24.71 2.63
CA VAL A 258 -39.73 -23.49 1.92
C VAL A 258 -40.36 -22.24 2.48
N ALA A 259 -39.59 -21.16 2.57
CA ALA A 259 -40.11 -19.91 3.10
C ALA A 259 -40.76 -19.09 1.98
N PRO A 260 -41.92 -18.47 2.27
CA PRO A 260 -42.65 -17.65 1.30
C PRO A 260 -41.79 -16.63 0.57
N PHE A 261 -41.04 -15.84 1.34
CA PHE A 261 -40.21 -14.79 0.76
C PHE A 261 -39.04 -15.31 -0.06
N MET A 262 -38.86 -16.62 -0.12
CA MET A 262 -37.77 -17.21 -0.91
C MET A 262 -38.34 -18.04 -2.04
N ASP A 263 -39.67 -18.12 -2.09
CA ASP A 263 -40.39 -18.90 -3.09
C ASP A 263 -40.68 -18.17 -4.41
N ARG A 264 -40.09 -18.70 -5.47
CA ARG A 264 -40.24 -18.18 -6.83
C ARG A 264 -41.71 -17.84 -7.15
N ASP A 265 -42.59 -18.75 -6.77
CA ASP A 265 -44.02 -18.60 -7.02
C ASP A 265 -44.74 -17.58 -6.15
N LYS A 266 -44.11 -17.08 -5.09
CA LYS A 266 -44.79 -16.13 -4.22
C LYS A 266 -44.14 -14.76 -4.02
N VAL A 267 -42.88 -14.59 -4.43
CA VAL A 267 -42.21 -13.32 -4.20
C VAL A 267 -41.70 -12.60 -5.44
N THR A 268 -41.69 -11.27 -5.37
CA THR A 268 -41.19 -10.43 -6.46
C THR A 268 -40.20 -9.44 -5.86
N LYS A 269 -39.39 -8.84 -6.71
CA LYS A 269 -38.41 -7.88 -6.23
C LYS A 269 -39.03 -6.86 -5.27
N ALA A 270 -40.16 -6.30 -5.64
CA ALA A 270 -40.83 -5.29 -4.83
C ALA A 270 -41.42 -5.83 -3.52
N THR A 271 -42.08 -6.97 -3.56
CA THR A 271 -42.65 -7.49 -2.34
C THR A 271 -41.54 -7.89 -1.36
N ALA A 272 -40.37 -8.22 -1.88
CA ALA A 272 -39.26 -8.58 -1.03
C ALA A 272 -38.78 -7.35 -0.24
N GLN A 273 -38.74 -6.21 -0.90
CA GLN A 273 -38.27 -4.97 -0.29
C GLN A 273 -39.24 -4.11 0.51
N ILE A 274 -40.51 -4.10 0.14
CA ILE A 274 -41.46 -3.25 0.86
C ILE A 274 -41.58 -3.63 2.33
N GLY A 275 -41.78 -4.91 2.60
CA GLY A 275 -41.89 -5.35 3.97
C GLY A 275 -40.59 -5.10 4.72
N PHE A 276 -39.49 -5.48 4.09
CA PHE A 276 -38.17 -5.32 4.65
C PHE A 276 -37.82 -3.87 5.02
N ILE A 277 -38.05 -2.94 4.10
CA ILE A 277 -37.72 -1.55 4.40
C ILE A 277 -38.63 -0.97 5.47
N LYS A 278 -39.91 -1.25 5.37
CA LYS A 278 -40.91 -0.75 6.32
C LYS A 278 -40.84 -1.32 7.74
N PHE A 279 -40.66 -2.63 7.86
CA PHE A 279 -40.65 -3.25 9.18
C PHE A 279 -39.32 -3.67 9.75
N VAL A 280 -38.24 -3.47 8.98
CA VAL A 280 -36.92 -3.84 9.45
C VAL A 280 -35.95 -2.68 9.32
N LEU A 281 -35.51 -2.39 8.11
CA LEU A 281 -34.57 -1.30 7.89
C LEU A 281 -34.94 0.04 8.53
N ILE A 282 -36.10 0.60 8.19
CA ILE A 282 -36.49 1.88 8.75
C ILE A 282 -36.58 1.93 10.28
N PRO A 283 -37.27 0.98 10.90
CA PRO A 283 -37.35 1.04 12.37
C PRO A 283 -35.96 1.03 13.02
N MET A 284 -35.10 0.13 12.55
CA MET A 284 -33.76 0.03 13.11
C MET A 284 -33.00 1.35 12.97
N PHE A 285 -32.98 1.92 11.78
CA PHE A 285 -32.29 3.19 11.57
C PHE A 285 -32.99 4.33 12.30
N GLU A 286 -34.30 4.21 12.43
CA GLU A 286 -35.10 5.23 13.09
C GLU A 286 -34.62 5.41 14.53
N THR A 287 -34.43 4.28 15.24
CA THR A 287 -33.98 4.34 16.62
C THR A 287 -32.52 4.75 16.76
N VAL A 288 -31.75 4.64 15.68
CA VAL A 288 -30.34 5.02 15.71
C VAL A 288 -30.22 6.53 15.57
N THR A 289 -31.20 7.13 14.90
CA THR A 289 -31.21 8.58 14.69
C THR A 289 -31.29 9.30 16.03
N LYS A 290 -31.99 8.69 16.97
CA LYS A 290 -32.15 9.26 18.30
C LYS A 290 -30.79 9.42 18.96
N LEU A 291 -29.79 8.71 18.46
CA LEU A 291 -28.44 8.77 19.01
C LEU A 291 -27.59 9.64 18.09
N PHE A 292 -27.84 9.54 16.79
CA PHE A 292 -27.11 10.32 15.79
C PHE A 292 -28.15 10.88 14.84
N PRO A 293 -28.51 12.16 15.00
CA PRO A 293 -29.51 12.82 14.15
C PRO A 293 -29.16 12.90 12.66
N MET A 294 -27.89 13.11 12.34
CA MET A 294 -27.46 13.20 10.95
C MET A 294 -27.85 11.95 10.14
N VAL A 295 -28.05 10.84 10.85
CA VAL A 295 -28.43 9.59 10.20
C VAL A 295 -29.72 9.76 9.41
N GLU A 296 -30.65 10.51 9.95
CA GLU A 296 -31.93 10.71 9.27
C GLU A 296 -31.81 11.24 7.86
N GLU A 297 -31.16 12.38 7.69
CA GLU A 297 -31.03 12.97 6.37
C GLU A 297 -30.17 12.17 5.42
N ILE A 298 -29.21 11.43 5.94
CA ILE A 298 -28.34 10.68 5.06
C ILE A 298 -28.74 9.25 4.78
N MET A 299 -29.45 8.63 5.70
CA MET A 299 -29.83 7.24 5.49
C MET A 299 -31.32 6.91 5.56
N LEU A 300 -32.04 7.66 6.39
CA LEU A 300 -33.47 7.42 6.53
C LEU A 300 -34.21 8.03 5.34
N GLN A 301 -33.59 9.02 4.71
CA GLN A 301 -34.18 9.69 3.56
C GLN A 301 -34.24 8.76 2.37
N PRO A 302 -33.09 8.22 1.94
CA PRO A 302 -33.13 7.32 0.79
C PRO A 302 -34.02 6.10 1.03
N LEU A 303 -34.20 5.71 2.28
CA LEU A 303 -35.04 4.56 2.60
C LEU A 303 -36.51 4.87 2.34
N TRP A 304 -36.91 6.12 2.56
CA TRP A 304 -38.31 6.50 2.31
C TRP A 304 -38.51 6.53 0.80
N GLU A 305 -37.54 7.10 0.10
CA GLU A 305 -37.60 7.18 -1.35
C GLU A 305 -37.63 5.76 -1.90
N SER A 306 -36.82 4.89 -1.31
CA SER A 306 -36.75 3.51 -1.75
C SER A 306 -38.10 2.82 -1.55
N ARG A 307 -38.65 2.94 -0.34
CA ARG A 307 -39.93 2.33 -0.01
C ARG A 307 -41.04 2.80 -0.95
N ASP A 308 -40.97 4.07 -1.34
CA ASP A 308 -41.97 4.65 -2.22
C ASP A 308 -41.91 4.07 -3.63
N ARG A 309 -40.70 3.97 -4.18
CA ARG A 309 -40.52 3.43 -5.52
C ARG A 309 -41.02 1.99 -5.64
N TYR A 310 -40.70 1.15 -4.67
CA TYR A 310 -41.15 -0.23 -4.73
C TYR A 310 -42.67 -0.32 -4.55
N GLU A 311 -43.25 0.57 -3.76
CA GLU A 311 -44.70 0.52 -3.58
C GLU A 311 -45.40 0.83 -4.91
N GLU A 312 -44.75 1.63 -5.75
CA GLU A 312 -45.30 1.94 -7.05
C GLU A 312 -45.00 0.76 -7.96
N LEU A 313 -43.77 0.30 -7.93
CA LEU A 313 -43.37 -0.83 -8.74
C LEU A 313 -44.26 -2.05 -8.47
N LYS A 314 -44.83 -2.11 -7.27
CA LYS A 314 -45.70 -3.23 -6.92
C LYS A 314 -47.04 -3.14 -7.63
N ARG A 315 -47.55 -1.93 -7.78
CA ARG A 315 -48.83 -1.74 -8.45
C ARG A 315 -48.72 -2.17 -9.90
N ILE A 316 -47.61 -1.81 -10.55
CA ILE A 316 -47.41 -2.18 -11.93
C ILE A 316 -47.27 -3.70 -12.07
N ASP A 317 -46.56 -4.34 -11.15
CA ASP A 317 -46.41 -5.79 -11.19
C ASP A 317 -47.79 -6.45 -11.14
N ASP A 318 -48.62 -5.98 -10.21
CA ASP A 318 -49.96 -6.52 -10.06
C ASP A 318 -50.79 -6.28 -11.30
N ALA A 319 -50.69 -5.06 -11.85
CA ALA A 319 -51.42 -4.70 -13.07
C ALA A 319 -51.01 -5.59 -14.23
N MET A 320 -49.74 -5.96 -14.29
CA MET A 320 -49.28 -6.82 -15.38
C MET A 320 -49.66 -8.28 -15.15
N LYS A 321 -49.75 -8.69 -13.89
CA LYS A 321 -50.10 -10.07 -13.59
C LYS A 321 -51.61 -10.30 -13.68
N GLU A 322 -52.37 -9.22 -13.78
CA GLU A 322 -53.82 -9.31 -13.90
C GLU A 322 -54.17 -9.48 -15.38
N LEU A 323 -53.24 -9.12 -16.26
CA LEU A 323 -53.45 -9.27 -17.68
C LEU A 323 -52.89 -10.62 -18.11
N GLN A 324 -52.32 -11.34 -17.15
CA GLN A 324 -51.75 -12.65 -17.39
C GLN A 324 -52.67 -13.70 -16.79
N LYS A 325 -53.66 -13.27 -16.01
CA LYS A 325 -54.61 -14.18 -15.38
C LYS A 325 -55.61 -14.71 -16.40
N LYS A 326 -56.51 -15.56 -15.93
CA LYS A 326 -57.55 -16.14 -16.78
C LYS A 326 -58.75 -16.60 -15.92
N PRO B 1 -2.40 -18.93 0.58
CA PRO B 1 -2.28 -19.29 -0.85
C PRO B 1 -1.01 -18.69 -1.43
N THR B 2 -1.12 -18.19 -2.67
CA THR B 2 -0.01 -17.53 -3.35
C THR B 2 -0.43 -16.10 -3.64
N TYR B 3 0.21 -15.16 -2.96
CA TYR B 3 -0.11 -13.74 -3.11
C TYR B 3 0.67 -13.10 -4.26
N PRO B 4 0.08 -12.08 -4.91
CA PRO B 4 0.75 -11.39 -6.03
C PRO B 4 2.19 -10.97 -5.73
N LYS B 5 2.93 -10.62 -6.77
CA LYS B 5 4.34 -10.21 -6.64
C LYS B 5 4.57 -8.92 -5.85
N TYR B 6 3.60 -8.00 -5.89
CA TYR B 6 3.76 -6.75 -5.17
C TYR B 6 3.54 -6.84 -3.66
N LEU B 7 3.43 -8.06 -3.16
CA LEU B 7 3.29 -8.28 -1.72
C LEU B 7 4.59 -8.98 -1.36
N LEU B 8 5.52 -8.23 -0.81
CA LEU B 8 6.82 -8.78 -0.44
C LEU B 8 6.70 -9.90 0.55
N SER B 9 7.53 -10.92 0.38
CA SER B 9 7.53 -12.05 1.30
C SER B 9 8.51 -11.73 2.42
N PRO B 10 8.32 -12.32 3.59
CA PRO B 10 9.19 -12.09 4.74
C PRO B 10 10.68 -12.26 4.43
N GLU B 11 11.03 -13.31 3.69
CA GLU B 11 12.43 -13.54 3.34
C GLU B 11 13.01 -12.35 2.58
N THR B 12 12.18 -11.73 1.76
CA THR B 12 12.58 -10.58 0.97
C THR B 12 12.72 -9.35 1.85
N ILE B 13 11.78 -9.16 2.77
CA ILE B 13 11.82 -8.02 3.66
C ILE B 13 13.10 -7.99 4.50
N GLU B 14 13.70 -9.15 4.72
CA GLU B 14 14.93 -9.22 5.51
C GLU B 14 16.18 -9.07 4.67
N ALA B 15 16.17 -9.61 3.45
CA ALA B 15 17.32 -9.52 2.57
C ALA B 15 17.48 -8.09 2.04
N LEU B 16 16.37 -7.37 2.06
CA LEU B 16 16.31 -5.99 1.58
C LEU B 16 17.13 -5.04 2.45
N ARG B 17 17.44 -5.45 3.67
CA ARG B 17 18.21 -4.60 4.56
C ARG B 17 19.72 -4.79 4.43
N LYS B 18 20.16 -5.57 3.45
CA LYS B 18 21.59 -5.81 3.31
C LYS B 18 22.14 -5.41 1.94
N PRO B 19 23.40 -4.96 1.91
CA PRO B 19 24.04 -4.55 0.66
C PRO B 19 24.21 -5.75 -0.26
N THR B 20 23.81 -6.90 0.25
CA THR B 20 23.94 -8.15 -0.48
C THR B 20 22.70 -8.52 -1.31
N PHE B 21 21.63 -7.76 -1.13
CA PHE B 21 20.37 -7.94 -1.85
C PHE B 21 20.63 -7.97 -3.36
N ASP B 22 20.00 -8.90 -4.07
CA ASP B 22 20.20 -9.02 -5.52
C ASP B 22 19.16 -8.24 -6.31
N VAL B 23 19.56 -7.05 -6.74
CA VAL B 23 18.68 -6.14 -7.47
C VAL B 23 18.19 -6.61 -8.84
N TRP B 24 18.95 -7.50 -9.48
CA TRP B 24 18.56 -7.97 -10.81
C TRP B 24 17.42 -8.98 -10.83
N LEU B 25 16.99 -9.42 -9.66
CA LEU B 25 15.91 -10.40 -9.58
C LEU B 25 14.52 -9.81 -9.68
N TRP B 26 14.40 -8.49 -9.68
CA TRP B 26 13.06 -7.94 -9.68
C TRP B 26 12.56 -7.10 -10.84
N GLU B 27 11.24 -7.05 -10.95
CA GLU B 27 10.57 -6.29 -11.98
C GLU B 27 10.15 -4.99 -11.33
N PRO B 28 9.93 -3.94 -12.12
CA PRO B 28 9.53 -2.63 -11.61
C PRO B 28 8.47 -2.64 -10.50
N ASN B 29 7.49 -3.52 -10.61
CA ASN B 29 6.44 -3.59 -9.61
C ASN B 29 6.99 -4.04 -8.26
N GLU B 30 7.81 -5.08 -8.28
CA GLU B 30 8.41 -5.61 -7.07
C GLU B 30 9.32 -4.57 -6.44
N MET B 31 10.08 -3.85 -7.28
CA MET B 31 10.98 -2.81 -6.80
C MET B 31 10.20 -1.65 -6.21
N LEU B 32 9.08 -1.32 -6.84
CA LEU B 32 8.24 -0.25 -6.33
C LEU B 32 7.69 -0.66 -4.97
N SER B 33 7.48 -1.97 -4.80
CA SER B 33 6.97 -2.51 -3.54
C SER B 33 8.01 -2.40 -2.43
N CYS B 34 9.26 -2.75 -2.75
CA CYS B 34 10.35 -2.66 -1.78
C CYS B 34 10.56 -1.21 -1.31
N LEU B 35 10.51 -0.27 -2.25
CA LEU B 35 10.68 1.15 -1.90
C LEU B 35 9.56 1.57 -0.95
N GLU B 36 8.34 1.19 -1.27
CA GLU B 36 7.20 1.52 -0.42
C GLU B 36 7.46 0.97 0.98
N HIS B 37 7.87 -0.30 1.04
CA HIS B 37 8.13 -0.92 2.34
C HIS B 37 9.11 -0.06 3.14
N MET B 38 10.21 0.29 2.50
CA MET B 38 11.25 1.11 3.13
C MET B 38 10.67 2.33 3.86
N TYR B 39 9.78 3.07 3.20
CA TYR B 39 9.21 4.25 3.84
C TYR B 39 8.39 3.88 5.07
N HIS B 40 7.68 2.76 5.00
CA HIS B 40 6.88 2.30 6.14
C HIS B 40 7.82 1.82 7.24
N ASP B 41 8.72 0.93 6.88
CA ASP B 41 9.72 0.35 7.78
C ASP B 41 10.57 1.36 8.57
N LEU B 42 10.91 2.49 7.95
CA LEU B 42 11.73 3.52 8.60
C LEU B 42 10.82 4.47 9.38
N GLY B 43 9.53 4.17 9.38
CA GLY B 43 8.59 5.02 10.09
C GLY B 43 8.43 6.40 9.51
N LEU B 44 8.75 6.57 8.23
CA LEU B 44 8.61 7.90 7.60
C LEU B 44 7.14 8.15 7.32
N VAL B 45 6.43 7.09 6.95
CA VAL B 45 5.00 7.18 6.69
C VAL B 45 4.35 7.66 7.99
N ARG B 46 4.75 7.05 9.10
CA ARG B 46 4.24 7.40 10.42
C ARG B 46 4.47 8.87 10.77
N ASP B 47 5.71 9.20 11.09
CA ASP B 47 6.10 10.54 11.54
C ASP B 47 5.84 11.72 10.60
N PHE B 48 5.38 11.46 9.39
CA PHE B 48 5.11 12.54 8.46
C PHE B 48 3.69 12.47 7.93
N SER B 49 2.95 11.44 8.36
CA SER B 49 1.56 11.27 7.96
C SER B 49 1.49 11.10 6.46
N ILE B 50 2.39 10.32 5.89
CA ILE B 50 2.35 10.13 4.46
C ILE B 50 1.18 9.22 4.14
N ASN B 51 0.19 9.76 3.44
CA ASN B 51 -0.96 8.95 3.05
C ASN B 51 -0.37 7.83 2.19
N PRO B 52 -0.54 6.58 2.63
CA PRO B 52 -0.01 5.42 1.91
C PRO B 52 -0.43 5.25 0.45
N VAL B 53 -1.58 5.79 0.07
CA VAL B 53 -2.01 5.64 -1.31
C VAL B 53 -1.22 6.65 -2.15
N THR B 54 -1.06 7.85 -1.60
CA THR B 54 -0.31 8.90 -2.24
C THR B 54 1.14 8.45 -2.50
N LEU B 55 1.71 7.73 -1.53
CA LEU B 55 3.07 7.23 -1.66
C LEU B 55 3.17 6.28 -2.85
N ARG B 56 2.13 5.47 -3.05
CA ARG B 56 2.12 4.53 -4.17
C ARG B 56 2.10 5.27 -5.50
N ARG B 57 1.22 6.26 -5.63
CA ARG B 57 1.13 7.01 -6.88
C ARG B 57 2.45 7.72 -7.17
N TRP B 58 3.03 8.34 -6.15
CA TRP B 58 4.31 9.04 -6.26
C TRP B 58 5.41 8.13 -6.81
N LEU B 59 5.66 7.00 -6.14
CA LEU B 59 6.68 6.06 -6.59
C LEU B 59 6.45 5.68 -8.03
N PHE B 60 5.17 5.60 -8.40
CA PHE B 60 4.82 5.24 -9.74
C PHE B 60 5.12 6.36 -10.74
N CYS B 61 4.88 7.60 -10.32
CA CYS B 61 5.17 8.73 -11.19
C CYS B 61 6.69 8.85 -11.34
N VAL B 62 7.42 8.50 -10.28
CA VAL B 62 8.87 8.56 -10.34
C VAL B 62 9.37 7.53 -11.33
N HIS B 63 8.81 6.33 -11.27
CA HIS B 63 9.23 5.28 -12.17
C HIS B 63 8.95 5.67 -13.62
N ASP B 64 7.89 6.44 -13.84
CA ASP B 64 7.54 6.84 -15.18
C ASP B 64 8.55 7.84 -15.74
N ASN B 65 9.07 8.69 -14.86
CA ASN B 65 10.04 9.69 -15.25
C ASN B 65 11.49 9.25 -15.38
N TYR B 66 11.75 7.95 -15.27
CA TYR B 66 13.11 7.49 -15.45
C TYR B 66 13.13 7.01 -16.89
N ARG B 67 14.31 6.96 -17.50
CA ARG B 67 14.37 6.57 -18.91
C ARG B 67 15.07 5.25 -19.20
N ASN B 68 14.79 4.70 -20.37
CA ASN B 68 15.37 3.43 -20.78
C ASN B 68 16.84 3.52 -21.15
N ASN B 69 17.65 4.01 -20.23
CA ASN B 69 19.08 4.11 -20.49
C ASN B 69 19.68 2.80 -20.03
N PRO B 70 20.84 2.42 -20.58
CA PRO B 70 21.43 1.17 -20.13
C PRO B 70 21.85 1.21 -18.65
N PHE B 71 22.36 2.35 -18.18
CA PHE B 71 22.78 2.46 -16.77
C PHE B 71 21.85 3.32 -15.92
N HIS B 72 21.68 4.58 -16.33
CA HIS B 72 20.85 5.50 -15.56
C HIS B 72 19.37 5.29 -15.81
N ASN B 73 18.82 4.25 -15.20
CA ASN B 73 17.41 3.92 -15.35
C ASN B 73 16.79 3.71 -13.97
N PHE B 74 15.54 3.28 -13.92
CA PHE B 74 14.88 3.07 -12.64
C PHE B 74 15.61 2.09 -11.74
N ARG B 75 16.15 1.02 -12.32
CA ARG B 75 16.86 0.05 -11.50
C ARG B 75 18.05 0.69 -10.77
N HIS B 76 18.73 1.63 -11.43
CA HIS B 76 19.86 2.31 -10.81
C HIS B 76 19.40 3.07 -9.58
N CYS B 77 18.27 3.75 -9.68
CA CYS B 77 17.80 4.53 -8.54
C CYS B 77 17.34 3.58 -7.44
N PHE B 78 16.86 2.40 -7.81
CA PHE B 78 16.43 1.41 -6.83
C PHE B 78 17.67 0.96 -6.02
N CYS B 79 18.79 0.74 -6.71
CA CYS B 79 20.04 0.35 -6.06
C CYS B 79 20.48 1.40 -5.07
N VAL B 80 20.51 2.64 -5.53
CA VAL B 80 20.94 3.73 -4.69
C VAL B 80 20.07 3.78 -3.44
N ALA B 81 18.76 3.75 -3.61
CA ALA B 81 17.88 3.82 -2.45
C ALA B 81 18.04 2.59 -1.55
N GLN B 82 18.08 1.41 -2.15
CA GLN B 82 18.23 0.19 -1.37
C GLN B 82 19.52 0.24 -0.54
N MET B 83 20.62 0.70 -1.15
CA MET B 83 21.90 0.81 -0.46
C MET B 83 21.79 1.81 0.69
N MET B 84 21.07 2.90 0.46
CA MET B 84 20.86 3.93 1.48
C MET B 84 20.11 3.30 2.65
N TYR B 85 19.07 2.55 2.33
CA TYR B 85 18.26 1.84 3.31
C TYR B 85 19.17 0.88 4.11
N SER B 86 20.02 0.13 3.40
CA SER B 86 20.94 -0.79 4.04
C SER B 86 21.78 -0.08 5.08
N MET B 87 22.39 1.02 4.66
CA MET B 87 23.25 1.76 5.56
C MET B 87 22.54 2.33 6.77
N VAL B 88 21.26 2.67 6.62
CA VAL B 88 20.52 3.19 7.77
C VAL B 88 20.47 2.10 8.84
N TRP B 89 20.39 0.85 8.42
CA TRP B 89 20.37 -0.24 9.37
C TRP B 89 21.79 -0.53 9.85
N LEU B 90 22.66 -0.96 8.95
CA LEU B 90 24.04 -1.25 9.29
C LEU B 90 24.67 -0.22 10.24
N CYS B 91 24.55 1.05 9.89
CA CYS B 91 25.14 2.12 10.68
C CYS B 91 24.24 2.73 11.75
N SER B 92 23.03 2.20 11.89
CA SER B 92 22.10 2.73 12.88
C SER B 92 21.97 4.24 12.74
N LEU B 93 21.74 4.69 11.51
CA LEU B 93 21.64 6.11 11.25
C LEU B 93 20.50 6.83 11.96
N GLN B 94 19.49 6.10 12.39
CA GLN B 94 18.38 6.73 13.09
C GLN B 94 18.78 7.14 14.52
N GLU B 95 19.97 6.70 14.90
CA GLU B 95 20.55 7.00 16.21
C GLU B 95 21.31 8.32 16.11
N LYS B 96 21.58 8.76 14.87
CA LYS B 96 22.33 9.98 14.63
C LYS B 96 21.51 11.05 13.90
N PHE B 97 20.58 10.59 13.06
CA PHE B 97 19.76 11.49 12.27
C PHE B 97 18.29 11.52 12.69
N SER B 98 17.63 12.63 12.38
CA SER B 98 16.22 12.81 12.69
C SER B 98 15.42 12.13 11.60
N GLN B 99 14.11 12.03 11.78
CA GLN B 99 13.28 11.39 10.78
C GLN B 99 13.21 12.28 9.55
N THR B 100 13.48 13.57 9.73
CA THR B 100 13.47 14.52 8.63
C THR B 100 14.69 14.25 7.74
N ASP B 101 15.85 14.06 8.36
CA ASP B 101 17.09 13.76 7.61
C ASP B 101 17.06 12.40 6.92
N ILE B 102 16.35 11.44 7.50
CA ILE B 102 16.25 10.11 6.90
C ILE B 102 15.29 10.22 5.71
N LEU B 103 14.29 11.08 5.85
CA LEU B 103 13.32 11.28 4.77
C LEU B 103 14.07 11.93 3.58
N ILE B 104 14.88 12.95 3.88
CA ILE B 104 15.67 13.64 2.86
C ILE B 104 16.62 12.67 2.20
N LEU B 105 17.34 11.92 3.01
CA LEU B 105 18.28 10.94 2.50
C LEU B 105 17.62 9.93 1.57
N MET B 106 16.52 9.32 2.01
CA MET B 106 15.83 8.33 1.21
C MET B 106 15.16 8.90 -0.03
N THR B 107 14.48 10.03 0.14
CA THR B 107 13.76 10.65 -0.97
C THR B 107 14.72 11.15 -2.05
N ALA B 108 15.82 11.75 -1.62
CA ALA B 108 16.81 12.24 -2.56
C ALA B 108 17.38 11.08 -3.36
N ALA B 109 17.64 9.96 -2.70
CA ALA B 109 18.21 8.81 -3.39
C ALA B 109 17.30 8.31 -4.51
N ILE B 110 16.01 8.28 -4.25
CA ILE B 110 15.07 7.80 -5.25
C ILE B 110 14.98 8.76 -6.44
N CYS B 111 15.12 10.05 -6.16
CA CYS B 111 14.99 11.06 -7.19
C CYS B 111 16.28 11.52 -7.89
N HIS B 112 17.42 11.25 -7.28
CA HIS B 112 18.70 11.72 -7.82
C HIS B 112 19.05 11.66 -9.32
N ASP B 113 18.42 10.77 -10.08
CA ASP B 113 18.71 10.70 -11.52
C ASP B 113 17.45 10.80 -12.39
N LEU B 114 16.41 11.43 -11.85
CA LEU B 114 15.18 11.58 -12.59
C LEU B 114 15.40 12.16 -14.00
N ASP B 115 14.75 11.54 -14.97
CA ASP B 115 14.80 11.97 -16.36
C ASP B 115 16.19 12.11 -16.95
N HIS B 116 17.14 11.30 -16.49
CA HIS B 116 18.50 11.34 -17.01
C HIS B 116 18.46 11.00 -18.51
N PRO B 117 19.04 11.87 -19.34
CA PRO B 117 19.05 11.63 -20.79
C PRO B 117 19.99 10.52 -21.30
N GLY B 118 21.00 10.15 -20.51
CA GLY B 118 21.90 9.11 -20.98
C GLY B 118 23.22 9.67 -21.49
N TYR B 119 23.35 10.98 -21.48
CA TYR B 119 24.60 11.64 -21.90
C TYR B 119 24.97 12.60 -20.76
N ASN B 120 26.19 12.48 -20.24
CA ASN B 120 26.58 13.33 -19.12
C ASN B 120 26.69 14.82 -19.38
N ASN B 121 27.04 15.57 -18.35
CA ASN B 121 27.14 17.02 -18.44
C ASN B 121 28.12 17.50 -19.48
N THR B 122 29.26 16.82 -19.59
CA THR B 122 30.26 17.21 -20.57
C THR B 122 29.62 17.23 -21.97
N TYR B 123 28.69 16.30 -22.21
CA TYR B 123 28.03 16.28 -23.49
C TYR B 123 27.06 17.47 -23.60
N GLN B 124 26.20 17.64 -22.60
CA GLN B 124 25.23 18.74 -22.59
C GLN B 124 25.93 20.06 -22.87
N ILE B 125 27.05 20.27 -22.18
CA ILE B 125 27.82 21.49 -22.34
C ILE B 125 28.49 21.63 -23.71
N ASN B 126 29.21 20.61 -24.18
CA ASN B 126 29.87 20.73 -25.49
C ASN B 126 28.87 20.86 -26.65
N ALA B 127 27.77 20.10 -26.57
CA ALA B 127 26.74 20.12 -27.59
C ALA B 127 25.79 21.30 -27.39
N ARG B 128 26.05 22.09 -26.36
CA ARG B 128 25.21 23.23 -26.03
C ARG B 128 23.73 22.85 -26.05
N THR B 129 23.38 21.77 -25.36
CA THR B 129 22.01 21.29 -25.30
C THR B 129 21.07 22.25 -24.58
N GLU B 130 19.78 21.93 -24.64
CA GLU B 130 18.77 22.75 -24.00
C GLU B 130 18.97 22.80 -22.48
N LEU B 131 19.41 21.70 -21.88
CA LEU B 131 19.67 21.71 -20.44
C LEU B 131 20.89 22.58 -20.12
N ALA B 132 21.91 22.49 -20.97
CA ALA B 132 23.11 23.27 -20.76
C ALA B 132 22.77 24.75 -20.89
N VAL B 133 21.89 25.07 -21.84
CA VAL B 133 21.51 26.45 -22.00
C VAL B 133 20.60 26.88 -20.87
N ARG B 134 19.78 25.96 -20.37
CA ARG B 134 18.88 26.30 -19.28
C ARG B 134 19.61 26.50 -17.97
N TYR B 135 20.63 25.69 -17.73
CA TYR B 135 21.36 25.81 -16.48
C TYR B 135 22.72 26.51 -16.56
N ASN B 136 22.93 27.27 -17.63
CA ASN B 136 24.16 28.03 -17.82
C ASN B 136 25.43 27.21 -17.53
N ASP B 137 25.45 25.99 -18.04
CA ASP B 137 26.57 25.08 -17.86
C ASP B 137 26.87 24.65 -16.42
N ILE B 138 26.04 25.05 -15.47
CA ILE B 138 26.24 24.67 -14.06
C ILE B 138 25.41 23.40 -13.74
N SER B 139 26.09 22.27 -13.55
CA SER B 139 25.46 20.97 -13.25
C SER B 139 24.13 20.80 -13.96
N PRO B 140 24.09 21.04 -15.27
CA PRO B 140 22.80 20.87 -15.94
C PRO B 140 21.99 19.62 -15.60
N LEU B 141 22.61 18.43 -15.58
CA LEU B 141 21.83 17.22 -15.26
C LEU B 141 21.29 17.21 -13.83
N GLU B 142 22.18 17.40 -12.85
CA GLU B 142 21.74 17.38 -11.47
C GLU B 142 20.64 18.39 -11.18
N ASN B 143 20.75 19.59 -11.73
CA ASN B 143 19.73 20.61 -11.56
C ASN B 143 18.40 20.14 -12.18
N HIS B 144 18.49 19.44 -13.30
CA HIS B 144 17.30 18.94 -13.97
C HIS B 144 16.63 17.86 -13.14
N HIS B 145 17.42 16.94 -12.60
CA HIS B 145 16.88 15.86 -11.81
C HIS B 145 16.08 16.43 -10.64
N CYS B 146 16.68 17.40 -9.97
CA CYS B 146 16.05 18.03 -8.83
C CYS B 146 14.74 18.71 -9.24
N ALA B 147 14.76 19.42 -10.37
CA ALA B 147 13.56 20.12 -10.84
C ALA B 147 12.41 19.18 -11.20
N VAL B 148 12.71 18.05 -11.85
CA VAL B 148 11.67 17.09 -12.20
C VAL B 148 11.10 16.54 -10.90
N ALA B 149 12.00 16.30 -9.95
CA ALA B 149 11.61 15.77 -8.65
C ALA B 149 10.54 16.65 -8.02
N PHE B 150 10.78 17.96 -8.01
CA PHE B 150 9.80 18.84 -7.40
C PHE B 150 8.61 19.16 -8.29
N GLN B 151 8.71 18.80 -9.56
CA GLN B 151 7.60 19.01 -10.49
C GLN B 151 6.65 17.87 -10.19
N ILE B 152 7.21 16.71 -9.85
CA ILE B 152 6.42 15.55 -9.51
C ILE B 152 5.70 15.77 -8.19
N LEU B 153 6.44 16.26 -7.19
CA LEU B 153 5.85 16.53 -5.89
C LEU B 153 4.86 17.68 -5.92
N ALA B 154 4.86 18.44 -7.01
CA ALA B 154 3.94 19.56 -7.15
C ALA B 154 2.56 19.06 -7.58
N GLU B 155 2.51 17.87 -8.16
CA GLU B 155 1.24 17.28 -8.56
C GLU B 155 0.54 16.86 -7.25
N PRO B 156 -0.57 17.53 -6.91
CA PRO B 156 -1.31 17.22 -5.68
C PRO B 156 -1.44 15.74 -5.33
N GLU B 157 -1.74 14.89 -6.32
CA GLU B 157 -1.90 13.46 -6.05
C GLU B 157 -0.59 12.68 -5.92
N CYS B 158 0.53 13.39 -5.89
CA CYS B 158 1.84 12.74 -5.76
C CYS B 158 2.62 13.40 -4.64
N ASN B 159 2.01 14.40 -4.03
CA ASN B 159 2.70 15.11 -2.98
C ASN B 159 2.75 14.35 -1.64
N ILE B 160 3.68 13.41 -1.54
CA ILE B 160 3.84 12.64 -0.32
C ILE B 160 4.26 13.54 0.84
N PHE B 161 4.38 14.84 0.59
CA PHE B 161 4.75 15.77 1.66
C PHE B 161 3.55 16.65 2.05
N SER B 162 2.39 16.35 1.46
CA SER B 162 1.16 17.10 1.70
C SER B 162 0.78 17.38 3.15
N ASN B 163 1.13 16.49 4.07
CA ASN B 163 0.78 16.74 5.47
C ASN B 163 1.92 17.29 6.31
N ILE B 164 2.94 17.83 5.66
CA ILE B 164 4.07 18.40 6.38
C ILE B 164 3.88 19.91 6.39
N PRO B 165 3.98 20.54 7.55
CA PRO B 165 3.81 21.99 7.56
C PRO B 165 4.85 22.65 6.64
N PRO B 166 4.47 23.75 5.96
CA PRO B 166 5.36 24.47 5.04
C PRO B 166 6.75 24.72 5.61
N ASP B 167 6.84 24.89 6.92
CA ASP B 167 8.13 25.10 7.55
C ASP B 167 8.99 23.86 7.35
N GLY B 168 8.38 22.71 7.52
CA GLY B 168 9.09 21.45 7.35
C GLY B 168 9.43 21.18 5.90
N PHE B 169 8.49 21.49 5.02
CA PHE B 169 8.70 21.28 3.60
C PHE B 169 9.96 22.02 3.14
N LYS B 170 10.08 23.28 3.55
CA LYS B 170 11.23 24.09 3.19
C LYS B 170 12.52 23.31 3.50
N GLN B 171 12.64 22.90 4.75
CA GLN B 171 13.80 22.15 5.22
C GLN B 171 14.06 20.86 4.44
N ILE B 172 12.99 20.14 4.08
CA ILE B 172 13.15 18.91 3.32
C ILE B 172 13.64 19.24 1.92
N ARG B 173 13.02 20.24 1.31
CA ARG B 173 13.39 20.67 -0.04
C ARG B 173 14.83 21.14 -0.13
N GLN B 174 15.28 21.93 0.83
CA GLN B 174 16.65 22.41 0.77
C GLN B 174 17.62 21.25 0.90
N GLY B 175 17.28 20.30 1.77
CA GLY B 175 18.13 19.16 1.97
C GLY B 175 18.23 18.32 0.73
N MET B 176 17.09 18.08 0.09
CA MET B 176 17.08 17.28 -1.12
C MET B 176 17.88 17.95 -2.25
N ILE B 177 17.70 19.25 -2.42
CA ILE B 177 18.43 19.98 -3.45
C ILE B 177 19.91 19.79 -3.18
N THR B 178 20.31 20.05 -1.96
CA THR B 178 21.71 19.90 -1.59
C THR B 178 22.23 18.50 -1.88
N LEU B 179 21.49 17.46 -1.52
CA LEU B 179 21.96 16.09 -1.75
C LEU B 179 22.04 15.71 -3.23
N ILE B 180 20.98 16.00 -3.98
CA ILE B 180 21.00 15.66 -5.39
C ILE B 180 22.08 16.41 -6.17
N LEU B 181 22.29 17.69 -5.85
CA LEU B 181 23.33 18.44 -6.54
C LEU B 181 24.71 17.92 -6.16
N ALA B 182 24.85 17.40 -4.96
CA ALA B 182 26.13 16.90 -4.52
C ALA B 182 26.55 15.63 -5.25
N THR B 183 25.69 15.10 -6.12
CA THR B 183 26.06 13.89 -6.82
C THR B 183 26.81 14.13 -8.11
N ASP B 184 27.05 15.39 -8.45
CA ASP B 184 27.81 15.73 -9.67
C ASP B 184 29.29 15.41 -9.39
N MET B 185 29.83 14.38 -10.05
CA MET B 185 31.23 13.99 -9.83
C MET B 185 32.22 15.11 -10.06
N ALA B 186 31.81 16.15 -10.77
CA ALA B 186 32.71 17.26 -11.00
C ALA B 186 33.04 17.89 -9.65
N ARG B 187 32.15 17.69 -8.67
CA ARG B 187 32.32 18.25 -7.34
C ARG B 187 32.95 17.31 -6.32
N HIS B 188 33.30 16.11 -6.77
CA HIS B 188 33.87 15.10 -5.88
C HIS B 188 34.99 15.53 -4.94
N ALA B 189 36.17 15.81 -5.51
CA ALA B 189 37.34 16.22 -4.73
C ALA B 189 37.03 17.32 -3.72
N GLU B 190 36.32 18.34 -4.18
CA GLU B 190 35.91 19.47 -3.37
C GLU B 190 35.12 19.00 -2.14
N ILE B 191 34.13 18.13 -2.36
CA ILE B 191 33.30 17.63 -1.28
C ILE B 191 34.09 16.70 -0.36
N MET B 192 34.95 15.88 -0.94
CA MET B 192 35.77 14.98 -0.14
C MET B 192 36.66 15.74 0.83
N ASP B 193 37.19 16.88 0.40
CA ASP B 193 38.05 17.68 1.26
C ASP B 193 37.29 18.33 2.41
N SER B 194 36.17 18.97 2.09
CA SER B 194 35.38 19.60 3.13
C SER B 194 35.08 18.56 4.21
N PHE B 195 34.76 17.33 3.78
CA PHE B 195 34.43 16.27 4.70
C PHE B 195 35.63 15.80 5.49
N LYS B 196 36.74 15.55 4.79
CA LYS B 196 37.95 15.09 5.46
C LYS B 196 38.40 16.13 6.46
N GLU B 197 38.26 17.39 6.07
CA GLU B 197 38.64 18.51 6.93
C GLU B 197 37.88 18.42 8.25
N LYS B 198 36.56 18.49 8.18
CA LYS B 198 35.70 18.45 9.36
C LYS B 198 35.69 17.11 10.08
N MET B 199 36.28 16.10 9.46
CA MET B 199 36.33 14.77 10.04
C MET B 199 37.37 14.76 11.15
N GLU B 200 38.35 15.65 11.03
CA GLU B 200 39.42 15.77 12.02
C GLU B 200 38.83 15.93 13.42
N ASN B 201 37.62 16.45 13.49
CA ASN B 201 36.93 16.66 14.75
C ASN B 201 35.43 16.68 14.50
N PHE B 202 34.94 15.63 13.85
CA PHE B 202 33.52 15.55 13.53
C PHE B 202 32.65 15.85 14.73
N ASP B 203 31.51 16.48 14.48
CA ASP B 203 30.58 16.86 15.54
C ASP B 203 29.12 16.78 15.07
N TYR B 204 28.45 15.69 15.41
CA TYR B 204 27.05 15.49 15.02
C TYR B 204 26.11 16.62 15.44
N SER B 205 26.65 17.56 16.23
CA SER B 205 25.86 18.69 16.72
C SER B 205 25.88 19.78 15.66
N ASN B 206 27.03 19.89 15.01
CA ASN B 206 27.27 20.88 13.97
C ASN B 206 26.45 20.58 12.72
N GLU B 207 25.62 21.53 12.31
CA GLU B 207 24.77 21.34 11.14
C GLU B 207 25.57 21.21 9.85
N GLU B 208 26.70 21.92 9.76
CA GLU B 208 27.52 21.82 8.57
C GLU B 208 28.16 20.44 8.47
N HIS B 209 28.53 19.88 9.61
CA HIS B 209 29.13 18.57 9.66
C HIS B 209 28.11 17.52 9.19
N MET B 210 26.86 17.71 9.58
CA MET B 210 25.82 16.78 9.22
C MET B 210 25.48 16.85 7.75
N THR B 211 25.54 18.06 7.18
CA THR B 211 25.24 18.26 5.76
C THR B 211 26.29 17.52 4.94
N LEU B 212 27.55 17.68 5.32
CA LEU B 212 28.60 17.00 4.60
C LEU B 212 28.46 15.50 4.77
N LEU B 213 28.05 15.06 5.96
CA LEU B 213 27.90 13.63 6.18
C LEU B 213 26.81 13.07 5.26
N LYS B 214 25.70 13.80 5.14
CA LYS B 214 24.62 13.35 4.29
C LYS B 214 25.03 13.37 2.82
N MET B 215 25.85 14.36 2.44
CA MET B 215 26.34 14.46 1.07
C MET B 215 27.24 13.27 0.78
N ILE B 216 28.03 12.87 1.77
CA ILE B 216 28.92 11.73 1.61
C ILE B 216 28.09 10.44 1.53
N LEU B 217 27.03 10.38 2.32
CA LEU B 217 26.19 9.21 2.31
C LEU B 217 25.51 9.02 0.96
N ILE B 218 24.94 10.07 0.38
CA ILE B 218 24.27 9.84 -0.89
C ILE B 218 25.27 9.55 -2.01
N LYS B 219 26.47 10.13 -1.89
CA LYS B 219 27.51 9.89 -2.90
C LYS B 219 27.97 8.44 -2.81
N CYS B 220 28.12 7.93 -1.59
CA CYS B 220 28.52 6.53 -1.43
C CYS B 220 27.53 5.57 -2.07
N CYS B 221 26.25 5.77 -1.81
CA CYS B 221 25.22 4.90 -2.36
C CYS B 221 25.10 5.00 -3.88
N ASP B 222 25.27 6.21 -4.40
CA ASP B 222 25.15 6.43 -5.84
C ASP B 222 26.19 5.69 -6.68
N ILE B 223 27.36 5.41 -6.13
CA ILE B 223 28.40 4.71 -6.89
C ILE B 223 28.84 3.42 -6.20
N SER B 224 27.98 2.90 -5.34
CA SER B 224 28.28 1.71 -4.56
C SER B 224 28.16 0.35 -5.24
N ASN B 225 27.84 0.29 -6.53
CA ASN B 225 27.70 -1.03 -7.17
C ASN B 225 28.74 -2.06 -6.77
N GLU B 226 30.02 -1.69 -6.85
CA GLU B 226 31.11 -2.61 -6.51
C GLU B 226 31.15 -3.14 -5.08
N VAL B 227 30.31 -2.58 -4.21
CA VAL B 227 30.22 -3.04 -2.83
C VAL B 227 29.39 -4.33 -2.79
N ARG B 228 28.48 -4.45 -3.77
CA ARG B 228 27.62 -5.61 -3.91
C ARG B 228 28.41 -6.82 -4.45
N PRO B 229 27.88 -8.04 -4.25
CA PRO B 229 28.49 -9.31 -4.68
C PRO B 229 28.87 -9.30 -6.16
N MET B 230 30.07 -9.79 -6.46
CA MET B 230 30.59 -9.82 -7.83
C MET B 230 29.55 -10.12 -8.90
N GLU B 231 28.65 -11.06 -8.62
CA GLU B 231 27.62 -11.44 -9.60
C GLU B 231 26.64 -10.29 -9.84
N VAL B 232 26.19 -9.67 -8.76
CA VAL B 232 25.25 -8.55 -8.84
C VAL B 232 25.91 -7.29 -9.39
N ALA B 233 27.18 -7.10 -9.06
CA ALA B 233 27.90 -5.92 -9.48
C ALA B 233 28.37 -5.88 -10.93
N GLU B 234 29.00 -6.94 -11.40
CA GLU B 234 29.52 -6.98 -12.75
C GLU B 234 28.60 -6.51 -13.87
N PRO B 235 27.36 -7.01 -13.90
CA PRO B 235 26.44 -6.57 -14.96
C PRO B 235 26.33 -5.03 -15.09
N TRP B 236 26.43 -4.34 -13.97
CA TRP B 236 26.36 -2.88 -14.00
C TRP B 236 27.50 -2.25 -14.75
N VAL B 237 28.70 -2.81 -14.63
CA VAL B 237 29.84 -2.26 -15.34
C VAL B 237 29.55 -2.24 -16.83
N ASP B 238 28.95 -3.31 -17.32
CA ASP B 238 28.60 -3.41 -18.73
C ASP B 238 27.58 -2.35 -19.09
N CYS B 239 26.56 -2.17 -18.25
CA CYS B 239 25.53 -1.16 -18.51
C CYS B 239 26.17 0.21 -18.60
N LEU B 240 27.07 0.51 -17.68
CA LEU B 240 27.74 1.80 -17.67
C LEU B 240 28.57 2.03 -18.93
N LEU B 241 29.37 1.04 -19.30
CA LEU B 241 30.20 1.16 -20.48
C LEU B 241 29.35 1.25 -21.74
N GLU B 242 28.20 0.60 -21.73
CA GLU B 242 27.31 0.65 -22.88
C GLU B 242 26.87 2.09 -23.04
N GLU B 243 26.41 2.68 -21.93
CA GLU B 243 25.97 4.06 -21.96
C GLU B 243 27.11 4.97 -22.41
N TYR B 244 28.27 4.80 -21.79
CA TYR B 244 29.43 5.60 -22.13
C TYR B 244 29.76 5.51 -23.63
N PHE B 245 29.78 4.31 -24.19
CA PHE B 245 30.10 4.17 -25.62
C PHE B 245 29.06 4.81 -26.52
N MET B 246 27.81 4.75 -26.08
CA MET B 246 26.73 5.36 -26.85
C MET B 246 27.05 6.87 -27.00
N GLN B 247 27.49 7.48 -25.91
CA GLN B 247 27.83 8.91 -25.92
C GLN B 247 29.06 9.20 -26.77
N SER B 248 30.14 8.46 -26.54
CA SER B 248 31.38 8.68 -27.28
C SER B 248 31.17 8.49 -28.78
N ASP B 249 30.35 7.52 -29.17
CA ASP B 249 30.09 7.31 -30.58
C ASP B 249 29.39 8.56 -31.12
N ARG B 250 28.35 9.01 -30.44
CA ARG B 250 27.64 10.20 -30.88
C ARG B 250 28.58 11.40 -30.92
N GLU B 251 29.45 11.53 -29.92
CA GLU B 251 30.39 12.65 -29.88
C GLU B 251 31.32 12.62 -31.09
N LYS B 252 31.89 11.45 -31.36
CA LYS B 252 32.78 11.29 -32.50
C LYS B 252 32.00 11.62 -33.77
N SER B 253 30.78 11.12 -33.83
CA SER B 253 29.93 11.38 -34.99
C SER B 253 29.62 12.86 -35.23
N GLU B 254 29.52 13.64 -34.15
CA GLU B 254 29.18 15.06 -34.28
C GLU B 254 30.40 15.94 -34.11
N GLY B 255 31.57 15.32 -34.15
CA GLY B 255 32.79 16.09 -34.02
C GLY B 255 33.01 16.72 -32.66
N LEU B 256 32.40 16.16 -31.61
CA LEU B 256 32.59 16.70 -30.27
C LEU B 256 33.74 15.96 -29.60
N PRO B 257 34.46 16.65 -28.69
CA PRO B 257 35.58 15.97 -28.01
C PRO B 257 35.11 14.75 -27.24
N VAL B 258 35.96 13.74 -27.14
CA VAL B 258 35.62 12.51 -26.45
C VAL B 258 36.48 12.28 -25.21
N ALA B 259 35.86 11.86 -24.12
CA ALA B 259 36.57 11.60 -22.87
C ALA B 259 37.27 10.25 -22.96
N PRO B 260 38.54 10.21 -22.56
CA PRO B 260 39.31 8.96 -22.60
C PRO B 260 38.63 7.79 -21.89
N PHE B 261 37.99 8.07 -20.75
CA PHE B 261 37.34 6.99 -20.00
C PHE B 261 36.02 6.52 -20.61
N MET B 262 35.68 7.09 -21.76
CA MET B 262 34.46 6.72 -22.48
C MET B 262 34.86 6.31 -23.88
N ASP B 263 36.16 6.25 -24.13
CA ASP B 263 36.66 5.90 -25.46
C ASP B 263 36.66 4.39 -25.65
N ARG B 264 35.93 3.95 -26.66
CA ARG B 264 35.83 2.54 -26.97
C ARG B 264 37.16 1.88 -27.29
N ASP B 265 38.14 2.68 -27.72
CA ASP B 265 39.46 2.16 -28.07
C ASP B 265 40.47 2.19 -26.94
N LYS B 266 40.03 2.60 -25.74
CA LYS B 266 40.95 2.67 -24.60
C LYS B 266 40.40 1.96 -23.37
N VAL B 267 39.11 2.12 -23.13
CA VAL B 267 38.48 1.54 -21.96
C VAL B 267 38.22 0.04 -22.02
N THR B 268 38.40 -0.63 -20.90
CA THR B 268 38.12 -2.05 -20.78
C THR B 268 37.44 -2.18 -19.43
N LYS B 269 36.54 -3.13 -19.30
CA LYS B 269 35.85 -3.33 -18.04
C LYS B 269 36.81 -3.29 -16.86
N ALA B 270 37.98 -3.90 -17.03
CA ALA B 270 38.96 -3.98 -15.96
C ALA B 270 39.63 -2.67 -15.61
N THR B 271 40.24 -2.04 -16.61
CA THR B 271 40.91 -0.77 -16.37
C THR B 271 39.97 0.27 -15.77
N ALA B 272 38.71 0.24 -16.17
CA ALA B 272 37.72 1.20 -15.68
C ALA B 272 37.49 1.06 -14.18
N GLN B 273 37.32 -0.16 -13.70
CA GLN B 273 37.05 -0.40 -12.29
C GLN B 273 38.24 -0.32 -11.34
N ILE B 274 39.44 -0.65 -11.81
CA ILE B 274 40.62 -0.60 -10.95
C ILE B 274 40.87 0.83 -10.50
N GLY B 275 40.93 1.74 -11.46
CA GLY B 275 41.15 3.13 -11.12
C GLY B 275 40.01 3.66 -10.28
N PHE B 276 38.78 3.35 -10.69
CA PHE B 276 37.61 3.82 -9.97
C PHE B 276 37.49 3.31 -8.52
N ILE B 277 37.77 2.02 -8.31
CA ILE B 277 37.68 1.46 -6.97
C ILE B 277 38.81 1.97 -6.07
N LYS B 278 40.03 1.97 -6.60
CA LYS B 278 41.18 2.39 -5.84
C LYS B 278 41.26 3.88 -5.49
N PHE B 279 40.90 4.74 -6.43
CA PHE B 279 41.01 6.17 -6.19
C PHE B 279 39.72 6.92 -5.83
N VAL B 280 38.55 6.36 -6.14
CA VAL B 280 37.32 7.05 -5.80
C VAL B 280 36.55 6.32 -4.70
N LEU B 281 36.15 5.09 -4.97
CA LEU B 281 35.38 4.29 -4.02
C LEU B 281 36.00 3.98 -2.66
N ILE B 282 37.11 3.26 -2.64
CA ILE B 282 37.74 2.91 -1.38
C ILE B 282 38.09 4.10 -0.48
N PRO B 283 38.71 5.15 -1.05
CA PRO B 283 39.07 6.33 -0.25
C PRO B 283 37.86 6.95 0.45
N MET B 284 36.74 6.99 -0.27
CA MET B 284 35.52 7.56 0.27
C MET B 284 34.99 6.71 1.43
N PHE B 285 34.91 5.39 1.25
CA PHE B 285 34.43 4.55 2.32
C PHE B 285 35.40 4.49 3.50
N GLU B 286 36.68 4.71 3.22
CA GLU B 286 37.68 4.71 4.27
C GLU B 286 37.41 5.82 5.26
N THR B 287 37.06 7.00 4.75
CA THR B 287 36.77 8.13 5.63
C THR B 287 35.47 7.93 6.37
N VAL B 288 34.54 7.20 5.78
CA VAL B 288 33.25 6.95 6.42
C VAL B 288 33.39 5.92 7.54
N THR B 289 34.39 5.06 7.42
CA THR B 289 34.64 4.04 8.43
C THR B 289 35.08 4.65 9.75
N LYS B 290 35.69 5.83 9.69
CA LYS B 290 36.14 6.51 10.90
C LYS B 290 34.94 6.92 11.75
N LEU B 291 33.79 7.12 11.11
CA LEU B 291 32.57 7.46 11.84
C LEU B 291 31.73 6.22 12.08
N PHE B 292 31.76 5.29 11.14
CA PHE B 292 31.01 4.06 11.27
C PHE B 292 31.88 2.84 10.99
N PRO B 293 32.62 2.38 12.01
CA PRO B 293 33.52 1.23 11.91
C PRO B 293 32.96 -0.03 11.23
N MET B 294 31.69 -0.35 11.51
CA MET B 294 31.06 -1.53 10.92
C MET B 294 31.08 -1.51 9.39
N VAL B 295 31.32 -0.33 8.83
CA VAL B 295 31.38 -0.19 7.38
C VAL B 295 32.54 -0.96 6.77
N GLU B 296 33.67 -0.97 7.47
CA GLU B 296 34.86 -1.65 6.97
C GLU B 296 34.62 -3.10 6.60
N GLU B 297 33.95 -3.83 7.48
CA GLU B 297 33.69 -5.23 7.24
C GLU B 297 32.64 -5.45 6.16
N ILE B 298 31.52 -4.75 6.27
CA ILE B 298 30.43 -4.91 5.31
C ILE B 298 30.64 -4.28 3.93
N MET B 299 31.39 -3.20 3.84
CA MET B 299 31.57 -2.53 2.56
C MET B 299 32.99 -2.42 2.01
N LEU B 300 33.95 -2.14 2.89
CA LEU B 300 35.33 -2.05 2.43
C LEU B 300 35.87 -3.42 2.05
N GLN B 301 35.47 -4.45 2.80
CA GLN B 301 35.92 -5.80 2.52
C GLN B 301 35.60 -6.21 1.07
N PRO B 302 34.32 -6.13 0.66
CA PRO B 302 33.99 -6.51 -0.72
C PRO B 302 34.68 -5.66 -1.79
N LEU B 303 35.02 -4.42 -1.45
CA LEU B 303 35.69 -3.55 -2.40
C LEU B 303 37.15 -3.98 -2.60
N TRP B 304 37.80 -4.44 -1.55
CA TRP B 304 39.19 -4.89 -1.67
C TRP B 304 39.20 -6.12 -2.55
N GLU B 305 38.23 -7.00 -2.32
CA GLU B 305 38.11 -8.21 -3.11
C GLU B 305 37.87 -7.88 -4.57
N SER B 306 36.94 -6.97 -4.82
CA SER B 306 36.63 -6.56 -6.18
C SER B 306 37.84 -5.93 -6.86
N ARG B 307 38.61 -5.16 -6.10
CA ARG B 307 39.81 -4.53 -6.65
C ARG B 307 40.79 -5.61 -7.11
N ASP B 308 41.11 -6.54 -6.23
CA ASP B 308 42.04 -7.61 -6.58
C ASP B 308 41.53 -8.40 -7.77
N ARG B 309 40.23 -8.67 -7.78
CA ARG B 309 39.65 -9.42 -8.88
C ARG B 309 39.87 -8.73 -10.22
N TYR B 310 39.57 -7.44 -10.30
CA TYR B 310 39.76 -6.72 -11.55
C TYR B 310 41.22 -6.52 -11.86
N GLU B 311 42.06 -6.48 -10.83
CA GLU B 311 43.48 -6.28 -11.10
C GLU B 311 44.04 -7.55 -11.73
N GLU B 312 43.60 -8.71 -11.24
CA GLU B 312 44.04 -9.96 -11.82
C GLU B 312 43.49 -10.01 -13.25
N LEU B 313 42.22 -9.67 -13.37
CA LEU B 313 41.55 -9.66 -14.66
C LEU B 313 42.25 -8.76 -15.68
N LYS B 314 43.09 -7.86 -15.18
CA LYS B 314 43.83 -6.94 -16.03
C LYS B 314 45.10 -7.63 -16.55
N ARG B 315 45.74 -8.42 -15.68
CA ARG B 315 46.94 -9.15 -16.05
C ARG B 315 46.57 -10.11 -17.16
N ILE B 316 45.51 -10.88 -16.92
CA ILE B 316 45.02 -11.83 -17.90
C ILE B 316 44.84 -11.07 -19.21
N ASP B 317 44.06 -10.00 -19.16
CA ASP B 317 43.79 -9.17 -20.33
C ASP B 317 45.04 -8.75 -21.08
N ASP B 318 46.08 -8.34 -20.35
CA ASP B 318 47.32 -7.92 -21.00
C ASP B 318 48.00 -9.15 -21.62
N ALA B 319 48.15 -10.19 -20.81
CA ALA B 319 48.76 -11.44 -21.26
C ALA B 319 48.13 -11.90 -22.56
N MET B 320 46.81 -11.81 -22.63
CA MET B 320 46.09 -12.22 -23.81
C MET B 320 46.40 -11.34 -25.01
N LYS B 321 46.61 -10.05 -24.77
CA LYS B 321 46.91 -9.16 -25.87
C LYS B 321 48.31 -9.36 -26.42
N GLU B 322 49.28 -9.44 -25.53
CA GLU B 322 50.65 -9.63 -25.99
C GLU B 322 50.81 -10.98 -26.67
N LEU B 323 49.96 -11.93 -26.31
CA LEU B 323 49.99 -13.26 -26.90
C LEU B 323 49.52 -13.10 -28.34
N GLN B 324 49.17 -11.86 -28.69
CA GLN B 324 48.67 -11.58 -30.03
C GLN B 324 49.52 -10.56 -30.77
N LYS B 325 50.82 -10.83 -30.82
CA LYS B 325 51.81 -10.00 -31.50
C LYS B 325 53.20 -10.52 -31.17
N LYS B 326 53.26 -11.74 -30.61
CA LYS B 326 54.54 -12.36 -30.26
C LYS B 326 54.90 -13.48 -31.24
CL1 LUO C . -32.43 -9.58 5.67
C2 LUO C . -31.45 -10.45 5.19
C3 LUO C . -31.23 -11.66 5.85
C4 LUO C . -30.26 -12.53 5.38
C5 LUO C . -29.50 -12.20 4.26
C6 LUO C . -29.73 -10.99 3.60
C7 LUO C . -30.72 -10.12 4.07
N8 LUO C . -30.94 -8.97 3.44
C11 LUO C . -32.08 -8.71 2.81
N13 LUO C . -33.21 -9.41 2.66
N9 LUO C . -30.22 -8.09 3.34
C10 LUO C . -30.75 -7.10 2.63
C12 LUO C . -31.97 -7.50 2.28
C16 LUO C . -32.99 -6.98 1.61
O17 LUO C . -32.79 -5.75 1.04
N15 LUO C . -34.13 -7.66 1.44
C14 LUO C . -34.23 -8.90 1.96
N18 LUO C . -35.29 -9.70 1.65
C19 LUO C . -36.28 -9.73 2.69
C20 LUO C . -37.51 -10.47 2.17
C21 LUO C . -35.74 -10.47 3.94
O22 LUO C . -34.98 -11.42 3.83
N23 LUO C . -36.24 -9.95 5.17
C24 LUO C . -35.95 -10.69 6.27
C29 LUO C . -36.31 -10.19 7.50
C28 LUO C . -36.04 -10.90 8.68
C27 LUO C . -35.41 -12.13 8.60
O30 LUO C . -35.15 -12.81 9.75
C31 LUO C . -35.99 -13.97 9.86
C26 LUO C . -35.05 -12.64 7.36
C25 LUO C . -35.31 -11.93 6.19
ZN ZN D . -23.91 -10.19 5.56
MG MG E . -24.38 -13.74 7.26
CL1 LUO F . 31.72 7.53 -11.46
C2 LUO F . 30.55 7.69 -12.20
C3 LUO F . 30.28 8.93 -12.78
C4 LUO F . 29.12 9.11 -13.52
C5 LUO F . 28.23 8.04 -13.68
C6 LUO F . 28.51 6.81 -13.11
C7 LUO F . 29.67 6.63 -12.37
N8 LUO F . 29.93 5.44 -11.83
C11 LUO F . 30.96 4.67 -12.20
N13 LUO F . 31.94 4.83 -13.09
N9 LUO F . 29.31 4.93 -11.03
C10 LUO F . 29.81 3.74 -10.71
C12 LUO F . 30.89 3.57 -11.47
C16 LUO F . 31.80 2.62 -11.61
O17 LUO F . 31.63 1.47 -10.88
N15 LUO F . 32.80 2.76 -12.49
C14 LUO F . 32.86 3.86 -13.26
N18 LUO F . 33.71 3.92 -14.31
C19 LUO F . 34.88 4.71 -14.03
C20 LUO F . 35.87 4.56 -15.19
C21 LUO F . 34.53 6.21 -13.87
O22 LUO F . 33.50 6.66 -14.36
N23 LUO F . 35.54 6.96 -13.20
C24 LUO F . 35.18 8.25 -12.92
C29 LUO F . 35.86 8.92 -11.89
C28 LUO F . 35.54 10.23 -11.58
C27 LUO F . 34.55 10.89 -12.29
O30 LUO F . 34.24 12.18 -11.98
C31 LUO F . 34.90 13.05 -12.89
C26 LUO F . 33.88 10.24 -13.32
C25 LUO F . 34.19 8.92 -13.63
CL1 LUO G . 42.48 6.34 -20.07
C2 LUO G . 41.69 5.39 -19.45
C3 LUO G . 40.42 5.72 -19.01
C4 LUO G . 39.61 4.79 -18.38
C5 LUO G . 40.09 3.48 -18.20
C6 LUO G . 41.36 3.15 -18.64
C7 LUO G . 42.17 4.09 -19.26
N8 LUO G . 43.38 3.74 -19.68
C11 LUO G . 44.26 3.07 -18.93
N13 LUO G . 44.20 2.57 -17.69
N9 LUO G . 43.83 3.98 -20.69
C10 LUO G . 45.06 3.49 -20.83
C12 LUO G . 45.34 2.90 -19.68
C16 LUO G . 46.38 2.23 -19.20
O17 LUO G . 47.47 2.11 -20.00
N15 LUO G . 46.35 1.72 -17.95
C14 LUO G . 45.26 1.91 -17.19
N18 LUO G . 45.24 1.47 -15.90
C19 LUO G . 43.92 1.57 -15.34
C20 LUO G . 43.85 0.73 -14.06
C21 LUO G . 43.57 3.03 -15.02
O22 LUO G . 44.23 3.96 -15.48
N23 LUO G . 42.46 3.18 -14.13
C24 LUO G . 41.60 4.17 -14.51
C29 LUO G . 40.23 3.95 -14.45
C28 LUO G . 39.34 4.95 -14.81
C27 LUO G . 39.82 6.18 -15.24
O30 LUO G . 38.95 7.17 -15.57
C31 LUO G . 38.42 7.76 -14.39
C26 LUO G . 41.19 6.40 -15.31
C25 LUO G . 42.08 5.40 -14.95
ZN ZN H . 23.24 7.99 -10.01
MG MG I . 23.23 11.79 -12.00
#